data_5EBT
#
_entry.id   5EBT
#
_cell.length_a   54.733
_cell.length_b   151.189
_cell.length_c   57.224
_cell.angle_alpha   90.000
_cell.angle_beta   96.280
_cell.angle_gamma   90.000
#
_symmetry.space_group_name_H-M   'P 1 21 1'
#
loop_
_entity.id
_entity.type
_entity.pdbx_description
1 polymer Tankyrase-1
2 non-polymer (R,R)-2,3-BUTANEDIOL
3 non-polymer 4-[bis(fluoranyl)-[3-[[(6~{S})-6-methyl-3-(trifluoromethyl)-6,8-dihydro-5~{H}-[1,2,4]triazolo[4,3-a]pyrazin-7-yl]carbonyl]phenyl]methyl]-2~{H}-phthalazin-1-one
4 non-polymer 'ZINC ION'
5 water water
#
_entity_poly.entity_id   1
_entity_poly.type   'polypeptide(L)'
_entity_poly.pdbx_seq_one_letter_code
;MTILLDLAPEDKEYQSVEEEMQSTIREHRDGGNAGGIFNRYNVIRIQKVVNKKLRERFCHRQKEVSEENHNHHNERMLFH
GSPFINAIIHKGFDERHAYIGGMFGAGIYFAENSSKSNQYVYGIGGGTGCPTHKDRSCYICHRQMLFCRVTLGKSFLQFS
TIKMAHAPPGHHSVIGRPSVNGLAYAEYVIYRGEQAYPEYLITYQIMKPE
;
_entity_poly.pdbx_strand_id   A,B,C,D
#
loop_
_chem_comp.id
_chem_comp.type
_chem_comp.name
_chem_comp.formula
5N8 non-polymer 4-[bis(fluoranyl)-[3-[[(6~{S})-6-methyl-3-(trifluoromethyl)-6,8-dihydro-5~{H}-[1,2,4]triazolo[4,3-a]pyrazin-7-yl]carbonyl]phenyl]methyl]-2~{H}-phthalazin-1-one 'C23 H17 F5 N6 O2'
BU3 non-polymer (R,R)-2,3-BUTANEDIOL 'C4 H10 O2'
ZN non-polymer 'ZINC ION' 'Zn 2'
#
# COMPACT_ATOMS: atom_id res chain seq x y z
N MET A 1 26.06 4.89 -12.35
CA MET A 1 25.98 5.45 -11.00
C MET A 1 24.60 6.03 -10.70
N THR A 2 24.12 6.94 -11.54
CA THR A 2 22.83 7.60 -11.27
C THR A 2 21.92 7.54 -12.46
N ILE A 3 20.63 7.23 -12.23
CA ILE A 3 19.57 7.15 -13.25
C ILE A 3 18.40 8.07 -12.85
N LEU A 4 17.87 8.83 -13.82
CA LEU A 4 16.75 9.76 -13.64
C LEU A 4 15.49 9.20 -14.25
N LEU A 5 14.43 9.04 -13.44
CA LEU A 5 13.16 8.52 -13.97
C LEU A 5 12.13 9.62 -14.05
N ASP A 6 11.62 9.88 -15.24
CA ASP A 6 10.59 10.89 -15.47
C ASP A 6 9.25 10.47 -14.92
N LEU A 7 8.64 11.33 -14.10
CA LEU A 7 7.30 11.10 -13.58
C LEU A 7 6.30 11.75 -14.53
N ALA A 8 5.16 11.13 -14.77
CA ALA A 8 4.18 11.71 -15.69
C ALA A 8 3.36 12.75 -14.95
N PRO A 9 3.06 13.92 -15.58
CA PRO A 9 2.25 14.95 -14.92
C PRO A 9 0.93 14.45 -14.34
N GLU A 10 0.31 13.39 -14.95
CA GLU A 10 -0.95 12.79 -14.54
C GLU A 10 -0.85 11.78 -13.38
N ASP A 11 0.37 11.48 -12.91
CA ASP A 11 0.62 10.53 -11.81
C ASP A 11 0.51 11.20 -10.44
N LYS A 12 -0.01 10.46 -9.43
CA LYS A 12 -0.21 10.92 -8.05
C LYS A 12 1.06 11.48 -7.40
N GLU A 13 2.21 10.80 -7.63
CA GLU A 13 3.53 11.15 -7.11
C GLU A 13 3.99 12.56 -7.57
N TYR A 14 3.92 12.82 -8.88
CA TYR A 14 4.23 14.10 -9.50
C TYR A 14 3.38 15.19 -8.89
N GLN A 15 2.06 14.93 -8.78
CA GLN A 15 1.09 15.90 -8.25
C GLN A 15 1.36 16.26 -6.79
N SER A 16 1.69 15.25 -5.98
CA SER A 16 2.02 15.42 -4.57
C SER A 16 3.25 16.34 -4.42
N VAL A 17 4.30 16.09 -5.24
CA VAL A 17 5.54 16.89 -5.24
C VAL A 17 5.25 18.35 -5.65
N GLU A 18 4.51 18.54 -6.75
CA GLU A 18 4.15 19.89 -7.19
C GLU A 18 3.32 20.64 -6.14
N GLU A 19 2.29 20.00 -5.55
CA GLU A 19 1.50 20.69 -4.54
C GLU A 19 2.29 21.13 -3.30
N GLU A 20 3.22 20.28 -2.82
CA GLU A 20 4.10 20.63 -1.70
C GLU A 20 5.03 21.79 -2.11
N MET A 21 5.50 21.79 -3.37
CA MET A 21 6.37 22.83 -3.88
C MET A 21 5.62 24.17 -3.96
N GLN A 22 4.42 24.18 -4.57
CA GLN A 22 3.59 25.37 -4.73
C GLN A 22 3.05 25.94 -3.40
N SER A 23 2.60 25.07 -2.48
CA SER A 23 1.99 25.50 -1.21
C SER A 23 2.99 26.04 -0.18
N THR A 24 4.28 25.72 -0.34
CA THR A 24 5.30 26.18 0.60
C THR A 24 5.98 27.51 0.21
N ILE A 25 5.50 28.16 -0.89
CA ILE A 25 6.00 29.47 -1.33
C ILE A 25 5.67 30.49 -0.24
N ARG A 26 6.63 31.36 0.07
CA ARG A 26 6.42 32.43 1.05
C ARG A 26 7.06 33.73 0.57
N GLU A 27 6.67 34.86 1.18
CA GLU A 27 7.28 36.14 0.86
C GLU A 27 8.54 36.25 1.72
N HIS A 28 9.69 36.54 1.10
CA HIS A 28 10.97 36.61 1.82
C HIS A 28 11.34 38.03 2.23
N ARG A 29 12.14 38.15 3.31
CA ARG A 29 12.58 39.42 3.93
C ARG A 29 13.30 40.35 2.93
N ASP A 30 14.12 39.76 2.04
CA ASP A 30 14.89 40.50 1.03
C ASP A 30 14.06 41.06 -0.14
N GLY A 31 12.73 40.94 -0.07
CA GLY A 31 11.82 41.43 -1.10
C GLY A 31 11.96 40.80 -2.47
N GLY A 32 12.56 39.60 -2.52
CA GLY A 32 12.76 38.83 -3.74
C GLY A 32 14.13 38.99 -4.38
N ASN A 33 15.05 39.70 -3.70
CA ASN A 33 16.40 39.92 -4.21
C ASN A 33 17.17 38.66 -4.57
N ALA A 34 17.22 37.66 -3.67
CA ALA A 34 17.98 36.43 -3.90
C ALA A 34 17.33 35.48 -4.88
N GLY A 35 16.04 35.23 -4.71
CA GLY A 35 15.34 34.21 -5.47
C GLY A 35 14.42 34.65 -6.57
N GLY A 36 14.10 35.94 -6.61
CA GLY A 36 13.19 36.49 -7.60
C GLY A 36 11.83 36.81 -7.00
N ILE A 37 11.00 37.53 -7.79
CA ILE A 37 9.65 37.89 -7.36
C ILE A 37 8.62 37.01 -8.06
N PHE A 38 7.91 36.19 -7.29
CA PHE A 38 6.92 35.25 -7.80
C PHE A 38 5.99 34.81 -6.66
N ASN A 39 4.84 34.23 -7.03
CA ASN A 39 3.93 33.64 -6.07
C ASN A 39 3.50 32.27 -6.56
N ARG A 40 4.14 31.82 -7.67
CA ARG A 40 3.89 30.53 -8.31
C ARG A 40 5.11 30.07 -9.12
N TYR A 41 5.24 28.75 -9.29
CA TYR A 41 6.23 28.15 -10.17
C TYR A 41 5.53 27.58 -11.37
N ASN A 42 6.24 27.48 -12.48
CA ASN A 42 5.76 26.73 -13.63
C ASN A 42 6.64 25.47 -13.63
N VAL A 43 6.07 24.33 -13.22
CA VAL A 43 6.81 23.06 -13.14
C VAL A 43 6.97 22.49 -14.54
N ILE A 44 8.24 22.31 -14.97
CA ILE A 44 8.57 21.78 -16.29
C ILE A 44 8.59 20.24 -16.27
N ARG A 45 9.31 19.66 -15.31
CA ARG A 45 9.43 18.22 -15.15
C ARG A 45 9.86 17.84 -13.74
N ILE A 46 9.47 16.63 -13.32
CA ILE A 46 9.86 16.07 -12.02
C ILE A 46 10.49 14.70 -12.33
N GLN A 47 11.68 14.48 -11.82
CA GLN A 47 12.40 13.24 -12.02
C GLN A 47 12.74 12.58 -10.71
N LYS A 48 12.70 11.23 -10.70
CA LYS A 48 13.06 10.45 -9.51
C LYS A 48 14.50 10.04 -9.67
N VAL A 49 15.33 10.36 -8.67
CA VAL A 49 16.76 10.07 -8.70
C VAL A 49 16.98 8.65 -8.18
N VAL A 50 17.64 7.82 -9.00
CA VAL A 50 17.97 6.43 -8.68
C VAL A 50 19.49 6.24 -8.61
N ASN A 51 20.02 6.05 -7.40
CA ASN A 51 21.44 5.84 -7.16
C ASN A 51 21.56 4.74 -6.11
N LYS A 52 22.03 3.56 -6.53
CA LYS A 52 22.17 2.37 -5.67
C LYS A 52 23.06 2.63 -4.44
N LYS A 53 24.28 3.13 -4.65
CA LYS A 53 25.24 3.37 -3.57
C LYS A 53 24.71 4.35 -2.54
N LEU A 54 24.07 5.43 -3.01
CA LEU A 54 23.46 6.48 -2.18
C LEU A 54 22.29 5.95 -1.37
N ARG A 55 21.46 5.12 -2.01
CA ARG A 55 20.33 4.47 -1.34
C ARG A 55 20.84 3.53 -0.25
N GLU A 56 21.93 2.77 -0.51
CA GLU A 56 22.51 1.84 0.47
C GLU A 56 22.95 2.57 1.74
N ARG A 57 23.72 3.65 1.56
CA ARG A 57 24.24 4.50 2.63
C ARG A 57 23.08 5.13 3.42
N PHE A 58 22.07 5.65 2.69
CA PHE A 58 20.89 6.25 3.28
C PHE A 58 20.11 5.26 4.14
N CYS A 59 19.82 4.05 3.59
CA CYS A 59 19.05 3.04 4.29
C CYS A 59 19.76 2.50 5.49
N HIS A 60 21.08 2.29 5.38
CA HIS A 60 21.88 1.81 6.49
C HIS A 60 21.85 2.78 7.66
N ARG A 61 22.05 4.09 7.37
CA ARG A 61 22.04 5.14 8.38
C ARG A 61 20.64 5.30 9.03
N GLN A 62 19.56 5.24 8.24
CA GLN A 62 18.16 5.33 8.70
C GLN A 62 17.87 4.26 9.78
N LYS A 63 18.35 3.02 9.53
CA LYS A 63 18.23 1.88 10.44
C LYS A 63 18.93 2.18 11.77
N GLU A 64 20.14 2.78 11.71
CA GLU A 64 20.93 3.19 12.86
C GLU A 64 20.22 4.28 13.62
N VAL A 65 19.73 5.32 12.91
CA VAL A 65 19.09 6.46 13.54
C VAL A 65 17.83 6.00 14.29
N SER A 66 17.03 5.12 13.66
CA SER A 66 15.81 4.63 14.31
C SER A 66 16.14 3.72 15.49
N GLU A 67 17.28 3.02 15.43
CA GLU A 67 17.67 2.10 16.50
C GLU A 67 18.13 2.87 17.75
N GLU A 68 18.55 4.13 17.56
CA GLU A 68 19.00 5.08 18.60
C GLU A 68 17.85 5.93 19.14
N ASN A 69 16.76 6.11 18.36
CA ASN A 69 15.63 6.98 18.72
C ASN A 69 14.30 6.24 18.90
N HIS A 70 14.32 5.17 19.72
CA HIS A 70 13.15 4.35 20.07
C HIS A 70 12.32 3.96 18.85
N ASN A 71 13.00 3.43 17.81
CA ASN A 71 12.46 2.96 16.53
C ASN A 71 11.71 4.00 15.70
N HIS A 72 12.14 5.28 15.79
CA HIS A 72 11.58 6.40 15.05
C HIS A 72 12.69 7.18 14.34
N HIS A 73 12.85 6.92 13.03
CA HIS A 73 13.86 7.62 12.24
C HIS A 73 13.41 9.05 11.85
N ASN A 74 12.09 9.37 12.01
CA ASN A 74 11.50 10.69 11.70
C ASN A 74 12.00 11.21 10.34
N GLU A 75 11.52 10.58 9.29
CA GLU A 75 11.89 10.97 7.94
C GLU A 75 11.02 12.13 7.51
N ARG A 76 11.64 13.20 6.96
CA ARG A 76 10.92 14.36 6.45
C ARG A 76 11.29 14.65 4.99
N MET A 77 10.33 15.09 4.20
CA MET A 77 10.57 15.50 2.83
C MET A 77 10.90 16.98 2.89
N LEU A 78 12.08 17.38 2.44
CA LEU A 78 12.55 18.77 2.52
C LEU A 78 13.22 19.22 1.24
N PHE A 79 13.17 20.54 0.97
CA PHE A 79 13.78 21.08 -0.22
C PHE A 79 15.23 21.42 -0.06
N HIS A 80 15.96 21.33 -1.15
CA HIS A 80 17.37 21.73 -1.23
C HIS A 80 17.65 22.37 -2.56
N GLY A 81 18.04 23.64 -2.54
CA GLY A 81 18.43 24.40 -3.73
C GLY A 81 19.96 24.47 -3.76
N SER A 82 20.56 24.28 -4.94
CA SER A 82 22.02 24.27 -5.07
C SER A 82 22.51 24.34 -6.52
N PRO A 83 23.59 25.12 -6.80
CA PRO A 83 24.18 25.09 -8.15
C PRO A 83 24.96 23.78 -8.41
N PHE A 84 25.10 22.92 -7.39
CA PHE A 84 25.85 21.67 -7.45
C PHE A 84 24.98 20.41 -7.46
N ILE A 85 23.82 20.45 -8.15
CA ILE A 85 22.88 19.32 -8.29
C ILE A 85 23.57 18.05 -8.77
N ASN A 86 24.34 18.17 -9.87
CA ASN A 86 25.04 17.07 -10.51
C ASN A 86 25.94 16.32 -9.52
N ALA A 87 26.71 17.06 -8.71
CA ALA A 87 27.58 16.46 -7.71
C ALA A 87 26.73 15.76 -6.64
N ILE A 88 25.62 16.41 -6.18
CA ILE A 88 24.76 15.83 -5.14
C ILE A 88 24.04 14.56 -5.57
N ILE A 89 23.47 14.55 -6.79
CA ILE A 89 22.76 13.36 -7.24
C ILE A 89 23.69 12.15 -7.48
N HIS A 90 25.00 12.40 -7.70
CA HIS A 90 25.99 11.34 -7.96
C HIS A 90 26.76 10.91 -6.72
N LYS A 91 27.09 11.88 -5.85
CA LYS A 91 27.89 11.67 -4.65
C LYS A 91 27.09 11.79 -3.37
N GLY A 92 25.93 12.42 -3.45
CA GLY A 92 25.11 12.69 -2.28
C GLY A 92 25.57 13.96 -1.60
N PHE A 93 24.92 14.31 -0.51
CA PHE A 93 25.27 15.49 0.29
C PHE A 93 26.57 15.20 1.05
N ASP A 94 27.40 16.23 1.21
CA ASP A 94 28.69 16.05 1.87
C ASP A 94 28.97 17.20 2.83
N GLU A 95 28.94 16.88 4.15
CA GLU A 95 29.17 17.87 5.21
C GLU A 95 30.61 18.38 5.24
N ARG A 96 31.53 17.70 4.56
CA ARG A 96 32.96 18.09 4.52
C ARG A 96 33.17 19.38 3.76
N HIS A 97 32.23 19.75 2.88
CA HIS A 97 32.27 21.02 2.14
C HIS A 97 31.77 22.17 3.00
N ALA A 98 31.14 21.86 4.14
CA ALA A 98 30.56 22.86 5.05
C ALA A 98 31.55 23.30 6.11
N TYR A 99 31.35 24.49 6.70
CA TYR A 99 32.21 25.06 7.73
C TYR A 99 31.45 26.12 8.52
N ILE A 100 31.98 26.45 9.70
CA ILE A 100 31.45 27.47 10.60
C ILE A 100 31.72 28.86 10.04
N GLY A 101 30.69 29.65 9.90
CA GLY A 101 30.81 31.02 9.42
C GLY A 101 29.83 31.94 10.09
N GLY A 102 29.68 33.14 9.53
CA GLY A 102 28.76 34.14 10.03
C GLY A 102 27.31 33.94 9.66
N MET A 103 27.02 33.01 8.73
CA MET A 103 25.67 32.79 8.24
C MET A 103 25.18 31.39 8.48
N PHE A 104 26.10 30.40 8.42
CA PHE A 104 25.75 28.99 8.56
C PHE A 104 26.77 28.23 9.38
N GLY A 105 26.32 27.11 9.93
CA GLY A 105 27.19 26.16 10.64
C GLY A 105 27.76 25.13 9.68
N ALA A 106 28.46 24.15 10.22
CA ALA A 106 29.09 23.10 9.43
C ALA A 106 28.13 21.97 9.13
N GLY A 107 27.10 22.26 8.36
CA GLY A 107 26.09 21.23 8.11
C GLY A 107 25.49 21.26 6.76
N ILE A 108 24.60 20.24 6.50
CA ILE A 108 23.81 20.10 5.27
C ILE A 108 22.44 20.72 5.56
N TYR A 109 22.12 21.81 4.86
CA TYR A 109 20.90 22.61 5.07
C TYR A 109 19.75 22.31 4.16
N PHE A 110 18.51 22.28 4.74
CA PHE A 110 17.27 22.06 4.02
C PHE A 110 16.21 23.04 4.44
N ALA A 111 15.22 23.25 3.57
CA ALA A 111 14.12 24.13 3.87
C ALA A 111 12.81 23.37 3.75
N GLU A 112 11.80 23.76 4.52
CA GLU A 112 10.48 23.17 4.35
C GLU A 112 9.69 24.06 3.38
N ASN A 113 10.24 25.21 3.04
CA ASN A 113 9.64 26.17 2.12
C ASN A 113 10.46 26.15 0.84
N SER A 114 9.82 25.73 -0.30
CA SER A 114 10.49 25.66 -1.60
C SER A 114 11.11 26.99 -1.99
N SER A 115 10.42 28.11 -1.71
CA SER A 115 10.90 29.48 -2.01
C SER A 115 12.18 29.87 -1.26
N LYS A 116 12.42 29.26 -0.10
CA LYS A 116 13.66 29.48 0.65
C LYS A 116 14.78 28.80 -0.10
N SER A 117 14.59 27.54 -0.53
CA SER A 117 15.59 26.78 -1.31
C SER A 117 15.85 27.43 -2.65
N ASN A 118 14.82 28.06 -3.25
CA ASN A 118 14.91 28.77 -4.52
C ASN A 118 15.91 29.93 -4.43
N GLN A 119 16.11 30.49 -3.22
CA GLN A 119 17.10 31.55 -2.99
C GLN A 119 18.57 31.04 -3.14
N TYR A 120 18.81 29.71 -3.17
CA TYR A 120 20.16 29.12 -3.24
C TYR A 120 20.45 28.38 -4.52
N VAL A 121 19.49 28.35 -5.44
CA VAL A 121 19.63 27.68 -6.73
C VAL A 121 20.88 28.17 -7.51
N TYR A 122 21.14 29.49 -7.47
CA TYR A 122 22.28 30.10 -8.15
C TYR A 122 23.43 30.46 -7.20
N GLY A 123 23.39 29.96 -5.96
CA GLY A 123 24.38 30.21 -4.92
C GLY A 123 23.83 31.03 -3.76
N ILE A 124 24.68 31.31 -2.72
CA ILE A 124 24.32 32.13 -1.54
C ILE A 124 23.88 33.50 -2.02
N GLY A 125 22.72 33.94 -1.55
CA GLY A 125 22.12 35.21 -1.95
C GLY A 125 21.68 35.28 -3.40
N GLY A 126 21.59 34.12 -4.04
CA GLY A 126 21.20 34.00 -5.44
C GLY A 126 22.34 34.20 -6.41
N GLY A 127 23.57 34.36 -5.88
CA GLY A 127 24.78 34.58 -6.67
C GLY A 127 24.58 35.71 -7.68
N THR A 128 24.95 35.46 -8.94
CA THR A 128 24.78 36.42 -10.04
C THR A 128 23.52 36.11 -10.88
N GLY A 129 22.70 35.17 -10.42
CA GLY A 129 21.49 34.76 -11.12
C GLY A 129 21.73 33.70 -12.16
N CYS A 130 20.85 33.61 -13.16
CA CYS A 130 20.99 32.61 -14.21
C CYS A 130 22.27 32.90 -15.02
N PRO A 131 23.04 31.85 -15.41
CA PRO A 131 24.27 32.12 -16.20
C PRO A 131 24.03 32.83 -17.52
N THR A 132 22.85 32.64 -18.15
CA THR A 132 22.49 33.25 -19.44
C THR A 132 22.21 34.75 -19.36
N HIS A 133 21.39 35.20 -18.39
CA HIS A 133 21.00 36.61 -18.35
C HIS A 133 21.51 37.39 -17.15
N LYS A 134 22.22 36.70 -16.22
CA LYS A 134 22.78 37.30 -15.00
C LYS A 134 21.66 37.94 -14.16
N ASP A 135 20.48 37.29 -14.15
CA ASP A 135 19.28 37.77 -13.50
C ASP A 135 18.82 36.81 -12.42
N ARG A 136 18.79 37.29 -11.16
CA ARG A 136 18.33 36.46 -10.04
C ARG A 136 16.82 36.24 -10.11
N SER A 137 16.09 37.13 -10.84
CA SER A 137 14.65 37.00 -10.97
C SER A 137 14.24 36.54 -12.38
N CYS A 138 15.12 35.73 -13.04
CA CYS A 138 14.83 35.25 -14.39
C CYS A 138 13.62 34.35 -14.42
N TYR A 139 12.69 34.71 -15.30
CA TYR A 139 11.43 34.02 -15.51
C TYR A 139 11.53 33.04 -16.68
N ILE A 140 12.65 33.03 -17.41
CA ILE A 140 12.82 32.20 -18.60
C ILE A 140 13.59 30.93 -18.33
N CYS A 141 14.81 31.09 -17.80
CA CYS A 141 15.73 29.99 -17.53
C CYS A 141 15.17 28.98 -16.57
N HIS A 142 15.31 27.72 -16.96
CA HIS A 142 14.85 26.58 -16.19
C HIS A 142 15.75 26.41 -14.99
N ARG A 143 15.13 26.38 -13.81
CA ARG A 143 15.83 26.19 -12.55
C ARG A 143 15.61 24.77 -12.11
N GLN A 144 16.45 24.31 -11.20
CA GLN A 144 16.30 22.98 -10.64
C GLN A 144 16.44 23.04 -9.15
N MET A 145 15.66 22.21 -8.43
CA MET A 145 15.79 22.02 -7.00
C MET A 145 15.54 20.56 -6.64
N LEU A 146 16.01 20.13 -5.46
CA LEU A 146 15.79 18.78 -4.99
C LEU A 146 14.70 18.74 -3.91
N PHE A 147 13.93 17.66 -3.86
CA PHE A 147 12.92 17.40 -2.82
C PHE A 147 13.41 16.09 -2.23
N CYS A 148 14.05 16.17 -1.05
CA CYS A 148 14.78 15.07 -0.44
C CYS A 148 14.14 14.35 0.74
N ARG A 149 14.44 13.04 0.88
CA ARG A 149 14.09 12.24 2.05
C ARG A 149 15.19 12.61 3.06
N VAL A 150 14.82 13.16 4.21
CA VAL A 150 15.77 13.57 5.22
C VAL A 150 15.46 12.85 6.52
N THR A 151 16.42 12.00 7.00
CA THR A 151 16.36 11.28 8.25
C THR A 151 16.70 12.28 9.36
N LEU A 152 15.67 12.71 10.08
CA LEU A 152 15.86 13.69 11.12
C LEU A 152 16.16 13.13 12.50
N GLY A 153 15.73 11.89 12.77
CA GLY A 153 15.84 11.27 14.10
C GLY A 153 15.24 12.18 15.17
N LYS A 154 15.96 12.38 16.27
CA LYS A 154 15.57 13.32 17.33
C LYS A 154 16.14 14.69 16.98
N SER A 155 15.27 15.64 16.69
CA SER A 155 15.78 16.96 16.31
C SER A 155 16.00 17.87 17.50
N PHE A 156 17.00 18.77 17.41
CA PHE A 156 17.21 19.74 18.48
C PHE A 156 16.76 21.11 17.96
N LEU A 157 15.79 21.73 18.62
CA LEU A 157 15.26 23.03 18.22
C LEU A 157 16.10 24.15 18.80
N GLN A 158 16.57 25.10 17.94
CA GLN A 158 17.36 26.25 18.47
C GLN A 158 17.20 27.51 17.61
N PHE A 159 17.54 28.67 18.18
CA PHE A 159 17.40 29.93 17.47
C PHE A 159 18.49 30.23 16.45
N SER A 160 19.72 29.70 16.68
CA SER A 160 20.89 29.96 15.80
C SER A 160 21.60 28.68 15.49
N THR A 161 22.07 28.49 14.25
CA THR A 161 22.75 27.22 13.89
C THR A 161 24.23 27.36 13.53
N ILE A 162 24.73 28.58 13.47
CA ILE A 162 26.10 28.89 13.02
C ILE A 162 27.26 28.29 13.81
N LYS A 163 27.02 27.74 14.97
CA LYS A 163 28.11 27.19 15.80
C LYS A 163 28.10 25.68 15.80
N MET A 164 27.18 25.08 15.07
CA MET A 164 27.00 23.63 15.02
C MET A 164 27.88 22.89 14.01
N ALA A 165 28.65 21.93 14.52
CA ALA A 165 29.50 21.03 13.72
C ALA A 165 28.83 19.64 13.61
N HIS A 166 27.88 19.36 14.52
CA HIS A 166 27.17 18.09 14.63
C HIS A 166 25.94 18.37 15.47
N ALA A 167 25.01 17.41 15.53
CA ALA A 167 23.85 17.53 16.39
C ALA A 167 24.25 17.38 17.87
N PRO A 168 23.48 17.94 18.85
CA PRO A 168 23.86 17.80 20.27
C PRO A 168 23.73 16.33 20.74
N PRO A 169 24.24 15.97 21.94
CA PRO A 169 24.12 14.56 22.36
C PRO A 169 22.69 14.00 22.35
N GLY A 170 22.55 12.78 21.82
CA GLY A 170 21.28 12.07 21.70
C GLY A 170 20.35 12.58 20.60
N HIS A 171 20.85 13.49 19.74
CA HIS A 171 20.06 14.09 18.65
C HIS A 171 20.65 13.73 17.30
N HIS A 172 19.92 13.94 16.20
CA HIS A 172 20.39 13.53 14.86
C HIS A 172 20.30 14.63 13.89
N SER A 173 19.65 15.72 14.30
CA SER A 173 19.46 16.89 13.45
C SER A 173 19.21 18.10 14.30
N VAL A 174 19.29 19.27 13.66
CA VAL A 174 19.08 20.56 14.30
C VAL A 174 18.12 21.35 13.49
N ILE A 175 17.18 22.00 14.17
CA ILE A 175 16.23 22.83 13.49
C ILE A 175 16.37 24.27 13.97
N GLY A 176 16.63 25.15 13.00
CA GLY A 176 16.67 26.58 13.21
C GLY A 176 15.23 27.02 13.25
N ARG A 177 14.77 27.44 14.42
CA ARG A 177 13.38 27.83 14.68
C ARG A 177 13.12 29.29 14.28
N PRO A 178 12.03 29.57 13.53
CA PRO A 178 11.70 30.97 13.25
C PRO A 178 11.48 31.78 14.55
N SER A 179 11.88 33.05 14.54
CA SER A 179 11.84 33.91 15.71
C SER A 179 11.76 35.35 15.26
N VAL A 180 11.25 36.23 16.13
CA VAL A 180 11.18 37.66 15.82
C VAL A 180 12.58 38.30 15.66
N ASN A 181 13.56 37.80 16.40
CA ASN A 181 14.91 38.30 16.35
C ASN A 181 15.82 37.34 15.60
N GLY A 182 15.24 36.46 14.83
CA GLY A 182 16.02 35.45 14.15
C GLY A 182 15.57 35.11 12.77
N LEU A 183 15.46 33.79 12.50
CA LEU A 183 15.04 33.27 11.19
C LEU A 183 13.60 33.56 10.91
N ALA A 184 13.28 33.88 9.65
CA ALA A 184 11.91 34.13 9.24
C ALA A 184 11.28 32.77 8.96
N TYR A 185 12.07 31.80 8.42
CA TYR A 185 11.61 30.46 8.09
C TYR A 185 12.56 29.41 8.60
N ALA A 186 12.03 28.26 8.99
CA ALA A 186 12.79 27.16 9.60
C ALA A 186 13.91 26.63 8.70
N GLU A 187 15.01 26.22 9.33
CA GLU A 187 16.16 25.59 8.67
C GLU A 187 16.31 24.23 9.27
N TYR A 188 16.54 23.20 8.43
CA TYR A 188 16.75 21.84 8.90
C TYR A 188 18.17 21.46 8.57
N VAL A 189 18.92 21.00 9.58
CA VAL A 189 20.32 20.68 9.45
C VAL A 189 20.60 19.30 9.90
N ILE A 190 21.38 18.58 9.09
CA ILE A 190 21.98 17.26 9.32
C ILE A 190 23.48 17.43 9.17
N TYR A 191 24.24 16.53 9.79
CA TYR A 191 25.68 16.69 9.79
C TYR A 191 26.35 15.48 9.25
N ARG A 192 25.54 14.65 8.60
CA ARG A 192 25.96 13.44 7.93
C ARG A 192 25.22 13.34 6.62
N GLY A 193 25.99 13.25 5.52
CA GLY A 193 25.44 13.13 4.17
C GLY A 193 24.53 11.93 3.95
N GLU A 194 24.75 10.84 4.72
CA GLU A 194 23.95 9.61 4.65
C GLU A 194 22.55 9.80 5.21
N GLN A 195 22.30 10.95 5.87
CA GLN A 195 20.99 11.19 6.41
C GLN A 195 20.02 11.81 5.42
N ALA A 196 20.47 11.98 4.18
CA ALA A 196 19.57 12.51 3.18
C ALA A 196 19.69 11.75 1.87
N TYR A 197 18.55 11.59 1.18
CA TYR A 197 18.52 10.98 -0.14
C TYR A 197 17.87 11.99 -1.10
N PRO A 198 18.59 12.42 -2.17
CA PRO A 198 18.00 13.40 -3.11
C PRO A 198 16.94 12.74 -4.00
N GLU A 199 15.75 12.47 -3.45
CA GLU A 199 14.66 11.72 -4.08
C GLU A 199 14.13 12.28 -5.41
N TYR A 200 13.77 13.56 -5.41
CA TYR A 200 13.16 14.22 -6.57
C TYR A 200 13.97 15.37 -7.10
N LEU A 201 14.10 15.41 -8.41
CA LEU A 201 14.77 16.52 -9.06
C LEU A 201 13.70 17.30 -9.82
N ILE A 202 13.42 18.53 -9.35
CA ILE A 202 12.37 19.38 -9.94
C ILE A 202 12.98 20.41 -10.86
N THR A 203 12.49 20.46 -12.11
CA THR A 203 12.86 21.45 -13.11
C THR A 203 11.66 22.35 -13.23
N TYR A 204 11.88 23.64 -13.05
CA TYR A 204 10.83 24.65 -13.03
C TYR A 204 11.32 26.03 -13.44
N GLN A 205 10.36 26.94 -13.57
CA GLN A 205 10.58 28.36 -13.78
C GLN A 205 9.81 29.07 -12.67
N ILE A 206 10.27 30.23 -12.22
CA ILE A 206 9.49 31.08 -11.32
C ILE A 206 8.53 31.82 -12.26
N MET A 207 7.32 32.13 -11.80
CA MET A 207 6.37 32.84 -12.66
C MET A 207 6.27 34.31 -12.28
N LYS A 208 6.19 35.17 -13.30
CA LYS A 208 6.08 36.60 -13.08
C LYS A 208 4.62 36.90 -12.74
N PRO A 209 4.36 37.54 -11.59
CA PRO A 209 2.96 37.87 -11.24
C PRO A 209 2.31 38.82 -12.28
N GLU A 210 0.98 38.66 -12.49
CA GLU A 210 0.16 39.46 -13.41
C GLU A 210 0.18 40.94 -13.02
N MET B 1 20.06 -0.96 -19.91
CA MET B 1 20.64 -0.28 -18.73
C MET B 1 19.76 -0.53 -17.48
N THR B 2 20.22 -1.46 -16.63
CA THR B 2 19.46 -1.92 -15.47
C THR B 2 20.23 -1.85 -14.19
N ILE B 3 19.52 -1.40 -13.17
CA ILE B 3 20.00 -1.30 -11.81
C ILE B 3 19.12 -2.18 -10.92
N LEU B 4 19.75 -2.91 -10.00
CA LEU B 4 19.07 -3.79 -9.05
C LEU B 4 19.13 -3.18 -7.67
N LEU B 5 17.97 -2.98 -7.03
CA LEU B 5 17.93 -2.42 -5.67
C LEU B 5 17.55 -3.48 -4.66
N ASP B 6 18.41 -3.70 -3.69
CA ASP B 6 18.18 -4.66 -2.62
C ASP B 6 17.11 -4.18 -1.64
N LEU B 7 16.11 -5.03 -1.40
CA LEU B 7 15.06 -4.75 -0.41
C LEU B 7 15.50 -5.39 0.91
N ALA B 8 15.16 -4.75 2.03
CA ALA B 8 15.52 -5.27 3.34
C ALA B 8 14.53 -6.34 3.80
N PRO B 9 14.99 -7.43 4.44
CA PRO B 9 14.04 -8.45 4.94
C PRO B 9 13.04 -7.94 5.98
N GLU B 10 13.38 -6.86 6.70
CA GLU B 10 12.53 -6.27 7.74
C GLU B 10 11.49 -5.30 7.19
N ASP B 11 11.62 -4.95 5.90
CA ASP B 11 10.77 -4.05 5.14
C ASP B 11 9.44 -4.74 4.66
N LYS B 12 8.34 -3.96 4.64
CA LYS B 12 6.98 -4.37 4.26
C LYS B 12 6.87 -4.97 2.86
N GLU B 13 7.56 -4.33 1.88
CA GLU B 13 7.61 -4.71 0.46
C GLU B 13 8.18 -6.12 0.26
N TYR B 14 9.36 -6.39 0.88
CA TYR B 14 10.05 -7.69 0.85
C TYR B 14 9.12 -8.77 1.41
N GLN B 15 8.49 -8.48 2.55
CA GLN B 15 7.62 -9.40 3.28
C GLN B 15 6.42 -9.80 2.45
N SER B 16 5.81 -8.80 1.79
CA SER B 16 4.67 -9.00 0.91
C SER B 16 5.01 -9.90 -0.28
N VAL B 17 6.18 -9.68 -0.90
CA VAL B 17 6.65 -10.51 -2.04
C VAL B 17 6.90 -11.96 -1.58
N GLU B 18 7.64 -12.13 -0.46
CA GLU B 18 7.90 -13.47 0.09
C GLU B 18 6.57 -14.18 0.43
N GLU B 19 5.64 -13.45 1.07
CA GLU B 19 4.33 -13.98 1.49
C GLU B 19 3.58 -14.60 0.32
N GLU B 20 3.47 -13.85 -0.78
CA GLU B 20 2.80 -14.23 -2.02
C GLU B 20 3.52 -15.41 -2.68
N MET B 21 4.85 -15.43 -2.60
CA MET B 21 5.68 -16.49 -3.16
C MET B 21 5.44 -17.80 -2.40
N GLN B 22 5.50 -17.76 -1.06
CA GLN B 22 5.32 -18.93 -0.19
C GLN B 22 3.89 -19.50 -0.23
N SER B 23 2.86 -18.62 -0.19
CA SER B 23 1.43 -19.02 -0.17
C SER B 23 0.93 -19.67 -1.46
N THR B 24 1.58 -19.36 -2.60
CA THR B 24 1.13 -19.88 -3.89
C THR B 24 1.77 -21.23 -4.32
N ILE B 25 2.58 -21.85 -3.42
CA ILE B 25 3.18 -23.17 -3.67
C ILE B 25 2.05 -24.23 -3.76
N ARG B 26 2.11 -25.10 -4.80
CA ARG B 26 1.09 -26.13 -5.05
C ARG B 26 1.76 -27.43 -5.45
N GLU B 27 0.99 -28.52 -5.36
CA GLU B 27 1.43 -29.84 -5.78
C GLU B 27 1.27 -29.93 -7.32
N HIS B 28 2.34 -30.26 -8.04
CA HIS B 28 2.26 -30.37 -9.49
C HIS B 28 2.04 -31.80 -9.97
N ARG B 29 1.39 -31.94 -11.14
CA ARG B 29 0.99 -33.20 -11.81
C ARG B 29 2.16 -34.16 -12.01
N ASP B 30 3.33 -33.61 -12.35
CA ASP B 30 4.54 -34.37 -12.62
C ASP B 30 5.25 -34.95 -11.37
N GLY B 31 4.63 -34.82 -10.20
CA GLY B 31 5.19 -35.33 -8.95
C GLY B 31 6.48 -34.66 -8.49
N GLY B 32 6.78 -33.48 -9.06
CA GLY B 32 7.97 -32.70 -8.75
C GLY B 32 9.11 -32.82 -9.75
N ASN B 33 8.91 -33.63 -10.82
CA ASN B 33 9.92 -33.86 -11.82
C ASN B 33 10.57 -32.60 -12.40
N ALA B 34 9.77 -31.60 -12.83
CA ALA B 34 10.30 -30.37 -13.44
C ALA B 34 10.95 -29.40 -12.45
N GLY B 35 10.22 -29.03 -11.38
CA GLY B 35 10.67 -28.04 -10.41
C GLY B 35 11.30 -28.53 -9.11
N GLY B 36 11.19 -29.81 -8.83
CA GLY B 36 11.71 -30.36 -7.58
C GLY B 36 10.64 -30.66 -6.55
N ILE B 37 11.04 -31.31 -5.43
CA ILE B 37 10.13 -31.64 -4.35
C ILE B 37 10.36 -30.71 -3.17
N PHE B 38 9.35 -29.87 -2.86
CA PHE B 38 9.41 -28.88 -1.78
C PHE B 38 8.01 -28.43 -1.42
N ASN B 39 7.87 -27.83 -0.24
CA ASN B 39 6.62 -27.22 0.18
C ASN B 39 6.91 -25.84 0.77
N ARG B 40 8.19 -25.40 0.66
CA ARG B 40 8.68 -24.11 1.12
C ARG B 40 9.93 -23.68 0.33
N TYR B 41 10.14 -22.37 0.26
CA TYR B 41 11.33 -21.79 -0.33
C TYR B 41 12.15 -21.17 0.79
N ASN B 42 13.46 -21.07 0.58
CA ASN B 42 14.32 -20.31 1.45
C ASN B 42 14.70 -19.09 0.62
N VAL B 43 14.11 -17.92 0.93
CA VAL B 43 14.35 -16.67 0.20
C VAL B 43 15.70 -16.11 0.60
N ILE B 44 16.61 -15.96 -0.39
CA ILE B 44 17.96 -15.45 -0.18
C ILE B 44 17.97 -13.93 -0.23
N ARG B 45 17.42 -13.36 -1.31
CA ARG B 45 17.32 -11.92 -1.48
C ARG B 45 16.19 -11.54 -2.46
N ILE B 46 15.66 -10.34 -2.31
CA ILE B 46 14.64 -9.79 -3.19
C ILE B 46 15.19 -8.45 -3.70
N GLN B 47 15.21 -8.27 -5.01
CA GLN B 47 15.72 -7.06 -5.63
C GLN B 47 14.68 -6.40 -6.49
N LYS B 48 14.69 -5.07 -6.51
CA LYS B 48 13.79 -4.29 -7.34
C LYS B 48 14.53 -3.95 -8.61
N VAL B 49 13.94 -4.29 -9.75
CA VAL B 49 14.58 -4.07 -11.06
C VAL B 49 14.25 -2.66 -11.53
N VAL B 50 15.31 -1.87 -11.82
CA VAL B 50 15.19 -0.50 -12.31
C VAL B 50 15.78 -0.41 -13.74
N ASN B 51 14.89 -0.23 -14.72
CA ASN B 51 15.25 -0.07 -16.12
C ASN B 51 14.36 1.03 -16.66
N LYS B 52 14.99 2.17 -16.96
CA LYS B 52 14.35 3.39 -17.46
C LYS B 52 13.55 3.15 -18.75
N LYS B 53 14.21 2.59 -19.78
CA LYS B 53 13.59 2.37 -21.09
C LYS B 53 12.40 1.41 -21.00
N LEU B 54 12.53 0.34 -20.21
CA LEU B 54 11.49 -0.65 -19.99
C LEU B 54 10.30 -0.07 -19.24
N ARG B 55 10.55 0.80 -18.23
CA ARG B 55 9.53 1.48 -17.47
C ARG B 55 8.75 2.45 -18.41
N GLU B 56 9.46 3.15 -19.31
CA GLU B 56 8.82 4.07 -20.26
C GLU B 56 7.82 3.32 -21.15
N ARG B 57 8.27 2.19 -21.75
CA ARG B 57 7.47 1.31 -22.62
C ARG B 57 6.30 0.72 -21.90
N PHE B 58 6.53 0.25 -20.68
CA PHE B 58 5.48 -0.28 -19.82
C PHE B 58 4.40 0.75 -19.48
N CYS B 59 4.81 1.96 -19.04
CA CYS B 59 3.90 3.03 -18.67
C CYS B 59 3.12 3.59 -19.83
N HIS B 60 3.74 3.63 -21.02
CA HIS B 60 3.09 4.12 -22.23
C HIS B 60 1.99 3.14 -22.63
N ARG B 61 2.28 1.82 -22.55
CA ARG B 61 1.35 0.76 -22.92
C ARG B 61 0.17 0.65 -21.93
N GLN B 62 0.45 0.82 -20.65
CA GLN B 62 -0.56 0.78 -19.59
C GLN B 62 -1.62 1.91 -19.82
N LYS B 63 -1.15 3.08 -20.23
CA LYS B 63 -2.01 4.22 -20.55
C LYS B 63 -2.87 3.91 -21.80
N GLU B 64 -2.27 3.34 -22.85
CA GLU B 64 -2.95 2.91 -24.07
C GLU B 64 -4.08 1.88 -23.73
N VAL B 65 -3.76 0.85 -22.88
CA VAL B 65 -4.70 -0.21 -22.44
C VAL B 65 -5.87 0.37 -21.56
N SER B 66 -5.57 1.33 -20.66
CA SER B 66 -6.59 1.95 -19.81
C SER B 66 -7.62 2.66 -20.65
N GLU B 67 -7.16 3.46 -21.62
CA GLU B 67 -8.02 4.22 -22.53
C GLU B 67 -8.90 3.29 -23.36
N GLU B 68 -8.33 2.12 -23.77
CA GLU B 68 -9.02 1.09 -24.54
C GLU B 68 -9.97 0.27 -23.69
N ASN B 69 -9.80 0.27 -22.35
CA ASN B 69 -10.60 -0.55 -21.45
C ASN B 69 -11.36 0.21 -20.34
N HIS B 70 -12.05 1.30 -20.72
CA HIS B 70 -12.87 2.14 -19.83
C HIS B 70 -12.14 2.54 -18.53
N ASN B 71 -10.89 3.03 -18.69
CA ASN B 71 -9.99 3.49 -17.63
C ASN B 71 -9.60 2.43 -16.56
N HIS B 72 -9.51 1.17 -16.99
CA HIS B 72 -9.11 0.03 -16.17
C HIS B 72 -8.00 -0.76 -16.88
N HIS B 73 -6.74 -0.51 -16.50
CA HIS B 73 -5.60 -1.23 -17.09
C HIS B 73 -5.46 -2.65 -16.50
N ASN B 74 -6.14 -2.92 -15.37
CA ASN B 74 -6.19 -4.20 -14.65
C ASN B 74 -4.81 -4.83 -14.48
N GLU B 75 -3.97 -4.16 -13.71
CA GLU B 75 -2.61 -4.61 -13.43
C GLU B 75 -2.61 -5.73 -12.39
N ARG B 76 -1.86 -6.81 -12.65
CA ARG B 76 -1.72 -7.95 -11.73
C ARG B 76 -0.26 -8.30 -11.48
N MET B 77 0.05 -8.74 -10.27
CA MET B 77 1.38 -9.20 -9.92
C MET B 77 1.42 -10.68 -10.22
N LEU B 78 2.32 -11.12 -11.09
CA LEU B 78 2.40 -12.54 -11.50
C LEU B 78 3.83 -13.03 -11.59
N PHE B 79 4.04 -14.33 -11.39
CA PHE B 79 5.38 -14.90 -11.46
C PHE B 79 5.79 -15.30 -12.85
N HIS B 80 7.11 -15.25 -13.08
CA HIS B 80 7.72 -15.70 -14.31
C HIS B 80 9.07 -16.36 -14.00
N GLY B 81 9.20 -17.64 -14.36
CA GLY B 81 10.42 -18.42 -14.22
C GLY B 81 11.07 -18.55 -15.59
N SER B 82 12.40 -18.36 -15.66
CA SER B 82 13.11 -18.40 -16.93
C SER B 82 14.63 -18.51 -16.79
N PRO B 83 15.30 -19.32 -17.64
CA PRO B 83 16.77 -19.31 -17.66
C PRO B 83 17.34 -18.04 -18.32
N PHE B 84 16.47 -17.19 -18.85
CA PHE B 84 16.84 -15.98 -19.57
C PHE B 84 16.54 -14.68 -18.78
N ILE B 85 16.73 -14.68 -17.43
CA ILE B 85 16.48 -13.53 -16.55
C ILE B 85 17.23 -12.28 -17.01
N ASN B 86 18.55 -12.44 -17.27
CA ASN B 86 19.45 -11.38 -17.70
C ASN B 86 18.93 -10.67 -18.94
N ALA B 87 18.48 -11.43 -19.95
CA ALA B 87 17.90 -10.86 -21.16
C ALA B 87 16.61 -10.11 -20.82
N ILE B 88 15.73 -10.70 -19.98
CA ILE B 88 14.44 -10.08 -19.61
C ILE B 88 14.58 -8.79 -18.82
N ILE B 89 15.49 -8.76 -17.83
CA ILE B 89 15.64 -7.55 -17.03
C ILE B 89 16.26 -6.38 -17.81
N HIS B 90 16.99 -6.69 -18.90
CA HIS B 90 17.65 -5.67 -19.72
C HIS B 90 16.85 -5.27 -20.95
N LYS B 91 16.17 -6.24 -21.57
CA LYS B 91 15.41 -6.04 -22.81
C LYS B 91 13.90 -6.12 -22.61
N GLY B 92 13.48 -6.69 -21.49
CA GLY B 92 12.07 -6.92 -21.21
C GLY B 92 11.60 -8.20 -21.87
N PHE B 93 10.32 -8.55 -21.67
CA PHE B 93 9.71 -9.72 -22.28
C PHE B 93 9.54 -9.44 -23.79
N ASP B 94 9.69 -10.50 -24.58
CA ASP B 94 9.61 -10.32 -26.04
C ASP B 94 8.86 -11.48 -26.64
N GLU B 95 7.67 -11.15 -27.18
CA GLU B 95 6.76 -12.13 -27.82
C GLU B 95 7.35 -12.71 -29.11
N ARG B 96 8.38 -12.04 -29.68
CA ARG B 96 8.99 -12.50 -30.95
C ARG B 96 9.77 -13.80 -30.76
N HIS B 97 10.13 -14.14 -29.50
CA HIS B 97 10.78 -15.44 -29.21
C HIS B 97 9.74 -16.57 -29.14
N ALA B 98 8.43 -16.22 -29.01
CA ALA B 98 7.29 -17.16 -28.91
C ALA B 98 6.75 -17.62 -30.23
N MET B 103 3.51 -26.96 -26.96
CA MET B 103 2.23 -26.86 -26.26
C MET B 103 1.91 -25.48 -25.64
N PHE B 104 2.47 -24.41 -26.25
CA PHE B 104 2.23 -23.02 -25.90
C PHE B 104 1.87 -22.22 -27.15
N GLY B 105 1.14 -21.13 -26.95
CA GLY B 105 0.76 -20.19 -27.99
C GLY B 105 1.86 -19.15 -28.18
N ALA B 106 1.65 -18.22 -29.11
CA ALA B 106 2.65 -17.20 -29.41
C ALA B 106 2.54 -15.99 -28.44
N GLY B 107 2.54 -16.26 -27.15
CA GLY B 107 2.45 -15.24 -26.11
C GLY B 107 3.55 -15.30 -25.06
N ILE B 108 3.46 -14.36 -24.06
CA ILE B 108 4.35 -14.21 -22.90
C ILE B 108 3.52 -14.74 -21.74
N TYR B 109 4.03 -15.78 -21.07
CA TYR B 109 3.34 -16.54 -20.07
C TYR B 109 3.72 -16.23 -18.65
N PHE B 110 2.71 -16.17 -17.77
CA PHE B 110 2.87 -15.92 -16.34
C PHE B 110 2.03 -16.86 -15.53
N ALA B 111 2.43 -17.07 -14.27
CA ALA B 111 1.71 -17.94 -13.35
C ALA B 111 1.34 -17.15 -12.14
N GLU B 112 0.20 -17.51 -11.53
CA GLU B 112 -0.20 -16.91 -10.26
C GLU B 112 0.36 -17.81 -9.12
N ASN B 113 0.89 -19.00 -9.46
CA ASN B 113 1.52 -19.91 -8.48
C ASN B 113 3.03 -19.90 -8.71
N SER B 114 3.79 -19.47 -7.68
CA SER B 114 5.25 -19.41 -7.76
C SER B 114 5.85 -20.77 -8.13
N SER B 115 5.29 -21.90 -7.60
CA SER B 115 5.77 -23.27 -7.86
C SER B 115 5.61 -23.68 -9.31
N LYS B 116 4.62 -23.06 -9.99
CA LYS B 116 4.39 -23.26 -11.40
C LYS B 116 5.57 -22.65 -12.16
N SER B 117 5.93 -21.40 -11.85
CA SER B 117 7.06 -20.68 -12.50
C SER B 117 8.38 -21.33 -12.18
N ASN B 118 8.51 -21.90 -10.96
CA ASN B 118 9.70 -22.62 -10.52
C ASN B 118 10.01 -23.83 -11.45
N GLN B 119 8.99 -24.39 -12.12
CA GLN B 119 9.18 -25.48 -13.09
C GLN B 119 9.89 -25.02 -14.38
N TYR B 120 10.03 -23.70 -14.61
CA TYR B 120 10.66 -23.18 -15.83
C TYR B 120 11.95 -22.46 -15.59
N VAL B 121 12.43 -22.41 -14.34
CA VAL B 121 13.66 -21.71 -13.97
C VAL B 121 14.87 -22.26 -14.77
N TYR B 122 14.92 -23.59 -14.95
CA TYR B 122 15.98 -24.24 -15.73
C TYR B 122 15.58 -24.64 -17.15
N GLY B 123 14.43 -24.15 -17.63
CA GLY B 123 13.91 -24.42 -18.97
C GLY B 123 12.60 -25.19 -18.93
N ILE B 124 12.02 -25.48 -20.12
CA ILE B 124 10.78 -26.28 -20.28
C ILE B 124 11.03 -27.64 -19.64
N GLY B 125 10.11 -28.07 -18.78
CA GLY B 125 10.23 -29.33 -18.06
C GLY B 125 11.37 -29.37 -17.06
N GLY B 126 11.92 -28.21 -16.72
CA GLY B 126 13.03 -28.08 -15.78
C GLY B 126 14.38 -28.31 -16.42
N GLY B 127 14.41 -28.50 -17.75
CA GLY B 127 15.63 -28.76 -18.51
C GLY B 127 16.46 -29.87 -17.89
N THR B 128 17.77 -29.62 -17.70
CA THR B 128 18.69 -30.56 -17.08
C THR B 128 18.92 -30.26 -15.60
N GLY B 129 18.20 -29.28 -15.07
CA GLY B 129 18.32 -28.83 -13.68
C GLY B 129 19.40 -27.78 -13.49
N CYS B 130 19.97 -27.71 -12.28
CA CYS B 130 21.01 -26.72 -11.97
C CYS B 130 22.27 -27.03 -12.78
N PRO B 131 22.97 -26.01 -13.33
CA PRO B 131 24.18 -26.31 -14.11
C PRO B 131 25.28 -27.05 -13.36
N THR B 132 25.40 -26.84 -12.05
CA THR B 132 26.43 -27.45 -11.19
C THR B 132 26.18 -28.95 -10.93
N HIS B 133 24.95 -29.32 -10.55
CA HIS B 133 24.70 -30.73 -10.18
C HIS B 133 23.79 -31.51 -11.13
N LYS B 134 23.26 -30.84 -12.18
CA LYS B 134 22.37 -31.44 -13.19
C LYS B 134 21.13 -32.03 -12.51
N ASP B 135 20.65 -31.34 -11.47
CA ASP B 135 19.56 -31.79 -10.64
C ASP B 135 18.40 -30.82 -10.67
N ARG B 136 17.23 -31.29 -11.16
CA ARG B 136 16.03 -30.48 -11.22
C ARG B 136 15.48 -30.19 -9.81
N SER B 137 15.85 -31.04 -8.83
CA SER B 137 15.39 -30.87 -7.45
C SER B 137 16.52 -30.39 -6.54
N CYS B 138 17.48 -29.63 -7.07
CA CYS B 138 18.60 -29.11 -6.29
C CYS B 138 18.16 -28.17 -5.19
N TYR B 139 18.59 -28.50 -3.97
CA TYR B 139 18.30 -27.77 -2.76
C TYR B 139 19.41 -26.77 -2.40
N ILE B 140 20.52 -26.82 -3.11
CA ILE B 140 21.69 -25.98 -2.81
C ILE B 140 21.78 -24.75 -3.69
N CYS B 141 21.77 -24.96 -5.01
CA CYS B 141 21.91 -23.89 -5.98
C CYS B 141 20.80 -22.86 -5.89
N HIS B 142 21.22 -21.60 -5.88
CA HIS B 142 20.34 -20.45 -5.79
C HIS B 142 19.59 -20.33 -7.11
N ARG B 143 18.27 -20.25 -7.03
CA ARG B 143 17.42 -20.08 -8.20
C ARG B 143 16.94 -18.65 -8.22
N GLN B 144 16.46 -18.22 -9.36
CA GLN B 144 15.88 -16.89 -9.47
C GLN B 144 14.55 -16.95 -10.19
N MET B 145 13.62 -16.08 -9.79
CA MET B 145 12.36 -15.91 -10.51
C MET B 145 11.94 -14.45 -10.47
N LEU B 146 11.06 -14.06 -11.40
CA LEU B 146 10.56 -12.70 -11.43
C LEU B 146 9.14 -12.61 -10.87
N PHE B 147 8.82 -11.50 -10.21
CA PHE B 147 7.46 -11.20 -9.72
C PHE B 147 7.15 -9.91 -10.44
N CYS B 148 6.34 -10.01 -11.49
CA CYS B 148 6.08 -8.93 -12.46
C CYS B 148 4.78 -8.19 -12.37
N ARG B 149 4.81 -6.90 -12.76
CA ARG B 149 3.63 -6.06 -12.95
C ARG B 149 3.13 -6.45 -14.35
N VAL B 150 1.92 -6.99 -14.45
CA VAL B 150 1.38 -7.43 -15.75
C VAL B 150 0.09 -6.67 -16.05
N THR B 151 0.10 -5.85 -17.13
CA THR B 151 -1.09 -5.06 -17.55
C THR B 151 -2.01 -6.03 -18.28
N LEU B 152 -3.12 -6.45 -17.63
CA LEU B 152 -4.01 -7.41 -18.26
C LEU B 152 -5.12 -6.83 -19.14
N GLY B 153 -5.55 -5.59 -18.87
CA GLY B 153 -6.68 -4.97 -19.57
C GLY B 153 -7.92 -5.84 -19.48
N LYS B 154 -8.61 -6.03 -20.61
CA LYS B 154 -9.77 -6.94 -20.66
C LYS B 154 -9.25 -8.36 -20.97
N SER B 155 -9.38 -9.30 -20.01
CA SER B 155 -8.91 -10.67 -20.17
C SER B 155 -9.93 -11.57 -20.81
N PHE B 156 -9.44 -12.49 -21.66
CA PHE B 156 -10.30 -13.48 -22.30
C PHE B 156 -10.08 -14.82 -21.62
N LEU B 157 -11.17 -15.41 -21.09
CA LEU B 157 -11.07 -16.69 -20.39
C LEU B 157 -11.22 -17.87 -21.35
N GLN B 158 -10.25 -18.83 -21.32
CA GLN B 158 -10.17 -20.00 -22.21
C GLN B 158 -9.64 -21.28 -21.54
N PHE B 159 -10.09 -22.45 -22.02
CA PHE B 159 -9.58 -23.73 -21.50
C PHE B 159 -8.24 -24.23 -22.14
N SER B 160 -7.82 -23.59 -23.27
CA SER B 160 -6.57 -23.88 -24.00
C SER B 160 -6.05 -22.59 -24.70
N THR B 161 -4.75 -22.21 -24.46
CA THR B 161 -4.11 -20.99 -25.04
C THR B 161 -3.13 -21.25 -26.21
N ILE B 162 -3.02 -22.53 -26.64
CA ILE B 162 -2.06 -22.99 -27.66
C ILE B 162 -2.21 -22.47 -29.11
N LYS B 163 -3.42 -22.09 -29.53
CA LYS B 163 -3.65 -21.61 -30.90
C LYS B 163 -3.56 -20.08 -31.07
N MET B 164 -3.52 -19.35 -29.95
CA MET B 164 -3.51 -17.88 -29.94
C MET B 164 -2.22 -17.25 -30.39
N ALA B 165 -2.35 -16.25 -31.30
CA ALA B 165 -1.25 -15.44 -31.82
C ALA B 165 -1.32 -14.04 -31.20
N HIS B 166 -2.55 -13.58 -30.92
CA HIS B 166 -2.84 -12.29 -30.28
C HIS B 166 -4.02 -12.48 -29.37
N ALA B 167 -4.33 -11.51 -28.52
CA ALA B 167 -5.51 -11.58 -27.69
C ALA B 167 -6.76 -11.37 -28.62
N PRO B 168 -7.96 -11.89 -28.23
CA PRO B 168 -9.14 -11.71 -29.08
C PRO B 168 -9.51 -10.23 -29.23
N PRO B 169 -10.28 -9.86 -30.27
CA PRO B 169 -10.71 -8.47 -30.43
C PRO B 169 -11.30 -7.86 -29.14
N GLY B 170 -10.90 -6.62 -28.86
CA GLY B 170 -11.32 -5.87 -27.69
C GLY B 170 -10.69 -6.32 -26.39
N HIS B 171 -9.79 -7.34 -26.46
CA HIS B 171 -9.15 -7.91 -25.27
C HIS B 171 -7.63 -7.61 -25.29
N HIS B 172 -6.94 -7.72 -24.14
CA HIS B 172 -5.53 -7.37 -24.00
C HIS B 172 -4.73 -8.51 -23.40
N SER B 173 -5.42 -9.59 -22.99
CA SER B 173 -4.77 -10.76 -22.41
C SER B 173 -5.67 -12.00 -22.50
N VAL B 174 -5.06 -13.19 -22.35
CA VAL B 174 -5.80 -14.44 -22.36
C VAL B 174 -5.49 -15.19 -21.07
N ILE B 175 -6.53 -15.76 -20.45
CA ILE B 175 -6.35 -16.58 -19.24
C ILE B 175 -6.71 -18.04 -19.55
N GLY B 176 -5.68 -18.88 -19.50
CA GLY B 176 -5.81 -20.32 -19.67
C GLY B 176 -6.31 -20.86 -18.34
N ARG B 177 -7.45 -21.53 -18.37
CA ARG B 177 -8.16 -22.00 -17.18
C ARG B 177 -8.02 -23.47 -16.94
N PRO B 178 -7.87 -23.89 -15.65
CA PRO B 178 -7.83 -25.33 -15.33
C PRO B 178 -9.11 -26.09 -15.71
N SER B 179 -8.93 -27.41 -15.96
CA SER B 179 -10.00 -28.37 -16.28
C SER B 179 -9.43 -29.77 -16.26
N VAL B 180 -10.27 -30.80 -16.05
CA VAL B 180 -9.82 -32.18 -16.12
C VAL B 180 -9.54 -32.43 -17.62
N ASN B 181 -8.32 -32.89 -17.95
CA ASN B 181 -7.79 -33.12 -19.32
C ASN B 181 -6.98 -31.93 -19.78
N GLY B 182 -7.29 -30.75 -19.23
CA GLY B 182 -6.61 -29.51 -19.57
C GLY B 182 -5.57 -29.10 -18.56
N LEU B 183 -5.46 -27.79 -18.33
CA LEU B 183 -4.50 -27.22 -17.39
C LEU B 183 -4.81 -27.58 -15.92
N ALA B 184 -3.78 -27.67 -15.08
CA ALA B 184 -3.99 -27.91 -13.64
C ALA B 184 -4.06 -26.56 -12.91
N TYR B 185 -3.28 -25.56 -13.38
CA TYR B 185 -3.21 -24.21 -12.81
C TYR B 185 -3.35 -23.16 -13.91
N ALA B 186 -3.87 -21.97 -13.57
CA ALA B 186 -4.10 -20.89 -14.52
C ALA B 186 -2.80 -20.37 -15.14
N GLU B 187 -2.90 -19.95 -16.40
CA GLU B 187 -1.82 -19.36 -17.17
C GLU B 187 -2.33 -18.00 -17.60
N TYR B 188 -1.48 -16.97 -17.46
CA TYR B 188 -1.81 -15.61 -17.88
C TYR B 188 -0.92 -15.30 -19.05
N VAL B 189 -1.56 -14.95 -20.18
CA VAL B 189 -0.90 -14.70 -21.45
C VAL B 189 -1.12 -13.29 -21.96
N ILE B 190 -0.04 -12.61 -22.35
CA ILE B 190 -0.02 -11.28 -23.00
C ILE B 190 0.69 -11.45 -24.33
N TYR B 191 0.37 -10.59 -25.28
CA TYR B 191 0.93 -10.77 -26.60
C TYR B 191 1.83 -9.64 -27.00
N ARG B 192 2.15 -8.77 -26.01
CA ARG B 192 3.03 -7.60 -26.13
C ARG B 192 3.92 -7.53 -24.93
N GLY B 193 5.23 -7.48 -25.16
CA GLY B 193 6.21 -7.40 -24.08
C GLY B 193 6.11 -6.16 -23.21
N GLU B 194 5.55 -5.07 -23.78
CA GLU B 194 5.35 -3.80 -23.06
C GLU B 194 4.26 -3.91 -22.00
N GLN B 195 3.44 -4.97 -22.02
CA GLN B 195 2.38 -5.16 -21.00
C GLN B 195 2.89 -5.80 -19.73
N ALA B 196 4.21 -6.00 -19.61
CA ALA B 196 4.79 -6.54 -18.38
C ALA B 196 6.07 -5.81 -17.98
N TYR B 197 6.25 -5.63 -16.69
CA TYR B 197 7.45 -5.02 -16.15
C TYR B 197 8.04 -6.00 -15.13
N PRO B 198 9.29 -6.47 -15.33
CA PRO B 198 9.89 -7.41 -14.35
C PRO B 198 10.28 -6.71 -13.05
N GLU B 199 9.29 -6.37 -12.20
CA GLU B 199 9.45 -5.58 -10.97
C GLU B 199 10.43 -6.13 -9.91
N TYR B 200 10.25 -7.41 -9.53
CA TYR B 200 11.04 -8.05 -8.48
C TYR B 200 11.83 -9.23 -8.97
N LEU B 201 13.07 -9.27 -8.57
CA LEU B 201 13.93 -10.37 -8.91
C LEU B 201 14.16 -11.13 -7.60
N ILE B 202 13.58 -12.34 -7.49
CA ILE B 202 13.70 -13.14 -6.27
C ILE B 202 14.80 -14.19 -6.43
N THR B 203 15.74 -14.23 -5.48
CA THR B 203 16.79 -15.23 -5.40
C THR B 203 16.41 -16.09 -4.23
N TYR B 204 16.34 -17.41 -4.46
CA TYR B 204 15.87 -18.37 -3.47
C TYR B 204 16.42 -19.77 -3.72
N GLN B 205 16.13 -20.65 -2.77
CA GLN B 205 16.39 -22.07 -2.84
C GLN B 205 15.06 -22.76 -2.58
N ILE B 206 14.84 -23.93 -3.20
CA ILE B 206 13.66 -24.72 -2.81
C ILE B 206 14.16 -25.47 -1.55
N MET B 207 13.25 -25.77 -0.61
CA MET B 207 13.63 -26.47 0.62
C MET B 207 13.24 -27.95 0.62
N LYS B 208 14.14 -28.79 1.12
CA LYS B 208 13.89 -30.22 1.22
C LYS B 208 12.98 -30.49 2.39
N PRO B 209 11.82 -31.15 2.15
CA PRO B 209 10.90 -31.45 3.28
C PRO B 209 11.55 -32.38 4.30
N GLU B 210 11.09 -32.24 5.54
CA GLU B 210 11.53 -33.01 6.72
C GLU B 210 11.20 -34.48 6.58
N MET C 1 -21.91 -10.88 19.63
CA MET C 1 -22.46 -9.86 18.76
C MET C 1 -21.67 -9.85 17.45
N THR C 2 -22.39 -9.84 16.33
CA THR C 2 -21.76 -9.85 15.02
C THR C 2 -22.30 -8.76 14.11
N ILE C 3 -21.37 -8.05 13.45
CA ILE C 3 -21.64 -6.97 12.52
C ILE C 3 -21.01 -7.30 11.15
N LEU C 4 -21.77 -7.05 10.07
CA LEU C 4 -21.34 -7.28 8.70
C LEU C 4 -21.06 -5.97 8.03
N LEU C 5 -19.85 -5.81 7.51
CA LEU C 5 -19.49 -4.56 6.81
C LEU C 5 -19.41 -4.81 5.32
N ASP C 6 -20.21 -4.09 4.55
CA ASP C 6 -20.22 -4.18 3.10
C ASP C 6 -18.97 -3.54 2.51
N LEU C 7 -18.27 -4.30 1.65
CA LEU C 7 -17.10 -3.81 0.94
C LEU C 7 -17.60 -3.26 -0.39
N ALA C 8 -16.99 -2.20 -0.86
CA ALA C 8 -17.38 -1.60 -2.15
C ALA C 8 -16.69 -2.36 -3.28
N PRO C 9 -17.42 -2.61 -4.40
CA PRO C 9 -16.81 -3.33 -5.55
C PRO C 9 -15.60 -2.63 -6.19
N GLU C 10 -15.49 -1.30 -5.99
CA GLU C 10 -14.37 -0.50 -6.52
C GLU C 10 -13.14 -0.47 -5.62
N ASP C 11 -13.25 -1.04 -4.42
CA ASP C 11 -12.13 -1.12 -3.47
C ASP C 11 -11.20 -2.32 -3.75
N LYS C 12 -9.93 -2.18 -3.38
CA LYS C 12 -8.87 -3.16 -3.54
C LYS C 12 -9.15 -4.49 -2.83
N GLU C 13 -9.66 -4.41 -1.59
CA GLU C 13 -10.00 -5.56 -0.73
C GLU C 13 -11.04 -6.50 -1.35
N TYR C 14 -12.16 -5.93 -1.84
CA TYR C 14 -13.24 -6.66 -2.52
C TYR C 14 -12.67 -7.35 -3.76
N GLN C 15 -11.87 -6.61 -4.56
CA GLN C 15 -11.30 -7.12 -5.80
C GLN C 15 -10.36 -8.29 -5.56
N SER C 16 -9.53 -8.19 -4.51
CA SER C 16 -8.59 -9.23 -4.12
C SER C 16 -9.34 -10.54 -3.74
N VAL C 17 -10.43 -10.40 -2.96
CA VAL C 17 -11.27 -11.53 -2.54
C VAL C 17 -11.94 -12.19 -3.77
N GLU C 18 -12.58 -11.39 -4.64
CA GLU C 18 -13.23 -11.92 -5.84
C GLU C 18 -12.21 -12.63 -6.74
N GLU C 19 -11.04 -12.02 -7.01
CA GLU C 19 -10.04 -12.67 -7.87
C GLU C 19 -9.55 -14.02 -7.34
N GLU C 20 -9.33 -14.14 -6.00
CA GLU C 20 -8.91 -15.40 -5.39
C GLU C 20 -10.04 -16.41 -5.49
N MET C 21 -11.29 -15.95 -5.35
CA MET C 21 -12.46 -16.82 -5.45
C MET C 21 -12.62 -17.35 -6.87
N GLN C 22 -12.55 -16.46 -7.89
CA GLN C 22 -12.67 -16.84 -9.31
C GLN C 22 -11.54 -17.71 -9.82
N SER C 23 -10.27 -17.39 -9.47
CA SER C 23 -9.10 -18.12 -9.95
C SER C 23 -8.94 -19.51 -9.39
N THR C 24 -9.52 -19.78 -8.21
CA THR C 24 -9.36 -21.09 -7.57
C THR C 24 -10.43 -22.11 -7.97
N ILE C 25 -11.33 -21.72 -8.88
CA ILE C 25 -12.36 -22.59 -9.44
C ILE C 25 -11.64 -23.73 -10.15
N ARG C 26 -12.05 -24.95 -9.90
CA ARG C 26 -11.45 -26.11 -10.56
C ARG C 26 -12.55 -27.02 -11.03
N GLU C 27 -12.23 -27.91 -11.94
CA GLU C 27 -13.19 -28.90 -12.41
C GLU C 27 -13.15 -30.07 -11.41
N HIS C 28 -14.32 -30.43 -10.88
CA HIS C 28 -14.41 -31.50 -9.90
C HIS C 28 -14.72 -32.86 -10.48
N ARG C 29 -14.18 -33.89 -9.81
CA ARG C 29 -14.29 -35.31 -10.17
C ARG C 29 -15.73 -35.76 -10.38
N ASP C 30 -16.66 -35.29 -9.53
CA ASP C 30 -18.08 -35.67 -9.58
C ASP C 30 -18.87 -35.09 -10.77
N GLY C 31 -18.16 -34.41 -11.68
CA GLY C 31 -18.77 -33.82 -12.87
C GLY C 31 -19.78 -32.71 -12.60
N GLY C 32 -19.72 -32.13 -11.38
CA GLY C 32 -20.60 -31.05 -10.96
C GLY C 32 -21.80 -31.46 -10.15
N ASN C 33 -21.88 -32.74 -9.78
CA ASN C 33 -23.00 -33.26 -9.01
C ASN C 33 -23.28 -32.54 -7.69
N ALA C 34 -22.24 -32.37 -6.84
CA ALA C 34 -22.38 -31.72 -5.53
C ALA C 34 -22.59 -30.23 -5.57
N GLY C 35 -21.71 -29.50 -6.27
CA GLY C 35 -21.73 -28.05 -6.30
C GLY C 35 -22.31 -27.37 -7.53
N GLY C 36 -22.61 -28.12 -8.58
CA GLY C 36 -23.13 -27.56 -9.81
C GLY C 36 -22.09 -27.46 -10.92
N ILE C 37 -22.56 -27.13 -12.15
CA ILE C 37 -21.67 -27.03 -13.31
C ILE C 37 -21.43 -25.56 -13.62
N PHE C 38 -20.18 -25.09 -13.48
CA PHE C 38 -19.81 -23.69 -13.70
C PHE C 38 -18.31 -23.57 -13.85
N ASN C 39 -17.85 -22.48 -14.42
CA ASN C 39 -16.45 -22.17 -14.52
C ASN C 39 -16.21 -20.71 -14.08
N ARG C 40 -17.29 -20.07 -13.56
CA ARG C 40 -17.29 -18.70 -13.06
CA ARG C 40 -17.31 -18.69 -13.09
C ARG C 40 -18.41 -18.47 -12.05
N TYR C 41 -18.21 -17.50 -11.14
CA TYR C 41 -19.22 -17.10 -10.18
C TYR C 41 -19.68 -15.69 -10.57
N ASN C 42 -20.88 -15.34 -10.17
CA ASN C 42 -21.36 -13.97 -10.26
C ASN C 42 -21.39 -13.50 -8.81
N VAL C 43 -20.42 -12.67 -8.42
CA VAL C 43 -20.30 -12.16 -7.05
C VAL C 43 -21.35 -11.08 -6.84
N ILE C 44 -22.24 -11.29 -5.86
CA ILE C 44 -23.33 -10.37 -5.53
C ILE C 44 -22.83 -9.33 -4.53
N ARG C 45 -22.22 -9.79 -3.42
CA ARG C 45 -21.68 -8.91 -2.39
C ARG C 45 -20.61 -9.60 -1.57
N ILE C 46 -19.70 -8.79 -1.00
CA ILE C 46 -18.65 -9.27 -0.12
C ILE C 46 -18.76 -8.47 1.18
N GLN C 47 -18.85 -9.17 2.29
CA GLN C 47 -18.99 -8.55 3.58
C GLN C 47 -17.86 -8.95 4.51
N LYS C 48 -17.43 -8.02 5.33
CA LYS C 48 -16.40 -8.28 6.33
C LYS C 48 -17.12 -8.61 7.62
N VAL C 49 -16.80 -9.76 8.22
CA VAL C 49 -17.43 -10.22 9.45
C VAL C 49 -16.71 -9.63 10.63
N VAL C 50 -17.44 -8.88 11.48
CA VAL C 50 -16.89 -8.23 12.68
C VAL C 50 -17.53 -8.81 13.94
N ASN C 51 -16.73 -9.54 14.69
CA ASN C 51 -17.13 -10.16 15.95
C ASN C 51 -15.94 -9.98 16.87
N LYS C 52 -16.07 -9.08 17.86
CA LYS C 52 -15.02 -8.72 18.82
C LYS C 52 -14.52 -9.90 19.65
N LYS C 53 -15.45 -10.71 20.22
CA LYS C 53 -15.13 -11.87 21.03
C LYS C 53 -14.38 -12.93 20.23
N LEU C 54 -14.83 -13.21 18.99
CA LEU C 54 -14.17 -14.13 18.08
C LEU C 54 -12.79 -13.63 17.66
N ARG C 55 -12.68 -12.31 17.43
CA ARG C 55 -11.42 -11.65 17.05
C ARG C 55 -10.43 -11.75 18.20
N GLU C 56 -10.88 -11.54 19.43
CA GLU C 56 -9.98 -11.67 20.57
C GLU C 56 -9.49 -13.13 20.83
N ARG C 57 -10.35 -14.17 20.64
CA ARG C 57 -10.00 -15.61 20.74
C ARG C 57 -9.00 -15.99 19.64
N PHE C 58 -9.25 -15.50 18.41
CA PHE C 58 -8.39 -15.76 17.28
C PHE C 58 -6.98 -15.18 17.49
N CYS C 59 -6.90 -13.90 17.90
CA CYS C 59 -5.63 -13.19 18.12
C CYS C 59 -4.84 -13.78 19.26
N HIS C 60 -5.53 -14.18 20.35
CA HIS C 60 -4.87 -14.81 21.48
C HIS C 60 -4.23 -16.14 21.08
N ARG C 61 -4.94 -16.95 20.29
CA ARG C 61 -4.46 -18.26 19.83
C ARG C 61 -3.30 -18.12 18.80
N GLN C 62 -3.39 -17.13 17.92
CA GLN C 62 -2.35 -16.83 16.93
C GLN C 62 -0.99 -16.53 17.62
N LYS C 63 -1.05 -15.78 18.72
CA LYS C 63 0.11 -15.45 19.55
C LYS C 63 0.67 -16.72 20.19
N GLU C 64 -0.23 -17.59 20.73
CA GLU C 64 0.09 -18.88 21.35
C GLU C 64 0.83 -19.74 20.32
N VAL C 65 0.25 -19.90 19.10
CA VAL C 65 0.77 -20.70 18.00
C VAL C 65 2.16 -20.25 17.49
N SER C 66 2.35 -18.92 17.25
CA SER C 66 3.63 -18.37 16.82
C SER C 66 4.75 -18.61 17.84
N GLU C 67 4.48 -18.46 19.15
CA GLU C 67 5.47 -18.73 20.22
C GLU C 67 5.91 -20.20 20.19
N GLU C 68 4.94 -21.11 19.92
CA GLU C 68 5.16 -22.56 19.84
C GLU C 68 5.86 -22.96 18.52
N ASN C 69 5.86 -22.07 17.50
CA ASN C 69 6.42 -22.39 16.18
C ASN C 69 7.51 -21.40 15.68
N HIS C 70 8.49 -21.06 16.56
CA HIS C 70 9.62 -20.16 16.28
C HIS C 70 9.20 -18.85 15.60
N ASN C 71 8.18 -18.19 16.20
CA ASN C 71 7.60 -16.91 15.77
C ASN C 71 7.00 -16.89 14.37
N HIS C 72 6.43 -18.04 13.94
CA HIS C 72 5.76 -18.20 12.65
C HIS C 72 4.39 -18.85 12.85
N HIS C 73 3.33 -18.03 12.88
CA HIS C 73 1.96 -18.54 13.03
C HIS C 73 1.43 -19.17 11.72
N ASN C 74 2.08 -18.88 10.56
CA ASN C 74 1.78 -19.42 9.24
C ASN C 74 0.26 -19.32 8.91
N GLU C 75 -0.21 -18.08 8.77
CA GLU C 75 -1.61 -17.79 8.50
C GLU C 75 -1.88 -17.96 7.00
N ARG C 76 -3.02 -18.61 6.65
CA ARG C 76 -3.44 -18.74 5.25
C ARG C 76 -4.89 -18.29 5.07
N MET C 77 -5.21 -17.73 3.90
CA MET C 77 -6.58 -17.35 3.57
C MET C 77 -7.18 -18.57 2.89
N LEU C 78 -8.24 -19.14 3.47
CA LEU C 78 -8.84 -20.37 2.92
C LEU C 78 -10.36 -20.30 2.89
N PHE C 79 -10.98 -21.06 1.97
CA PHE C 79 -12.43 -21.07 1.86
C PHE C 79 -13.09 -22.08 2.74
N HIS C 80 -14.34 -21.78 3.12
CA HIS C 80 -15.19 -22.66 3.89
C HIS C 80 -16.65 -22.50 3.46
N GLY C 81 -17.22 -23.59 2.95
CA GLY C 81 -18.62 -23.66 2.52
C GLY C 81 -19.40 -24.39 3.60
N SER C 82 -20.60 -23.88 3.96
CA SER C 82 -21.41 -24.48 5.02
C SER C 82 -22.85 -23.98 5.03
N PRO C 83 -23.84 -24.89 5.29
CA PRO C 83 -25.23 -24.41 5.50
C PRO C 83 -25.41 -23.72 6.86
N PHE C 84 -24.37 -23.75 7.71
CA PHE C 84 -24.41 -23.17 9.05
C PHE C 84 -23.58 -21.87 9.22
N ILE C 85 -23.62 -20.98 8.21
CA ILE C 85 -22.90 -19.68 8.21
C ILE C 85 -23.22 -18.85 9.43
N ASN C 86 -24.55 -18.71 9.74
CA ASN C 86 -25.07 -17.93 10.86
C ASN C 86 -24.46 -18.35 12.17
N ALA C 87 -24.40 -19.67 12.42
CA ALA C 87 -23.78 -20.21 13.63
C ALA C 87 -22.28 -19.86 13.65
N ILE C 88 -21.57 -20.03 12.50
CA ILE C 88 -20.12 -19.81 12.43
C ILE C 88 -19.73 -18.35 12.62
N ILE C 89 -20.46 -17.42 11.99
CA ILE C 89 -20.11 -16.01 12.13
C ILE C 89 -20.36 -15.46 13.53
N HIS C 90 -21.26 -16.11 14.28
CA HIS C 90 -21.58 -15.68 15.64
C HIS C 90 -20.77 -16.39 16.69
N LYS C 91 -20.61 -17.71 16.55
CA LYS C 91 -19.94 -18.58 17.52
C LYS C 91 -18.54 -19.01 17.10
N GLY C 92 -18.23 -18.88 15.82
CA GLY C 92 -16.97 -19.33 15.28
C GLY C 92 -17.04 -20.81 14.92
N PHE C 93 -15.95 -21.34 14.39
CA PHE C 93 -15.82 -22.75 14.05
C PHE C 93 -15.76 -23.55 15.34
N ASP C 94 -16.35 -24.74 15.35
CA ASP C 94 -16.41 -25.55 16.56
C ASP C 94 -16.15 -26.99 16.23
N GLU C 95 -14.97 -27.49 16.70
CA GLU C 95 -14.52 -28.86 16.47
C GLU C 95 -15.39 -29.89 17.19
N ARG C 96 -16.20 -29.45 18.15
CA ARG C 96 -17.07 -30.36 18.91
C ARG C 96 -18.20 -30.95 18.07
N HIS C 97 -18.55 -30.26 16.96
CA HIS C 97 -19.56 -30.76 16.01
C HIS C 97 -18.94 -31.80 15.05
N ALA C 98 -17.60 -31.90 15.01
CA ALA C 98 -16.85 -32.83 14.15
C ALA C 98 -16.60 -34.18 14.84
N TYR C 99 -16.39 -35.22 14.03
CA TYR C 99 -16.10 -36.58 14.53
C TYR C 99 -15.45 -37.38 13.43
N ILE C 100 -14.74 -38.44 13.83
CA ILE C 100 -14.12 -39.37 12.91
C ILE C 100 -15.26 -40.25 12.35
N GLY C 101 -15.47 -40.15 11.04
CA GLY C 101 -16.46 -40.90 10.26
C GLY C 101 -15.80 -41.70 9.16
N GLY C 102 -16.52 -41.92 8.07
CA GLY C 102 -16.03 -42.68 6.93
C GLY C 102 -15.42 -41.77 5.87
N MET C 103 -15.72 -40.46 5.97
CA MET C 103 -15.33 -39.43 5.00
C MET C 103 -14.42 -38.33 5.53
N PHE C 104 -14.55 -37.96 6.81
CA PHE C 104 -13.78 -36.87 7.41
C PHE C 104 -13.34 -37.21 8.83
N GLY C 105 -12.28 -36.54 9.27
CA GLY C 105 -11.79 -36.63 10.63
C GLY C 105 -12.47 -35.61 11.53
N ALA C 106 -12.04 -35.58 12.79
CA ALA C 106 -12.63 -34.71 13.80
C ALA C 106 -12.00 -33.31 13.81
N GLY C 107 -12.06 -32.67 12.66
CA GLY C 107 -11.47 -31.35 12.50
C GLY C 107 -12.37 -30.40 11.76
N ILE C 108 -11.87 -29.15 11.64
CA ILE C 108 -12.47 -28.02 10.96
C ILE C 108 -11.74 -27.98 9.61
N TYR C 109 -12.50 -28.17 8.53
CA TYR C 109 -11.96 -28.29 7.18
C TYR C 109 -12.07 -27.02 6.37
N PHE C 110 -11.00 -26.76 5.56
CA PHE C 110 -10.92 -25.63 4.65
C PHE C 110 -10.35 -26.07 3.32
N ALA C 111 -10.66 -25.32 2.28
CA ALA C 111 -10.17 -25.59 0.95
C ALA C 111 -9.42 -24.38 0.45
N GLU C 112 -8.40 -24.62 -0.40
CA GLU C 112 -7.73 -23.51 -1.04
C GLU C 112 -8.43 -23.22 -2.40
N ASN C 113 -9.40 -24.08 -2.77
CA ASN C 113 -10.19 -23.92 -4.01
C ASN C 113 -11.62 -23.59 -3.64
N SER C 114 -12.10 -22.40 -4.05
CA SER C 114 -13.45 -21.94 -3.75
C SER C 114 -14.50 -22.95 -4.21
N SER C 115 -14.29 -23.57 -5.39
CA SER C 115 -15.21 -24.56 -5.97
C SER C 115 -15.35 -25.84 -5.12
N LYS C 116 -14.28 -26.21 -4.33
CA LYS C 116 -14.37 -27.33 -3.43
C LYS C 116 -15.31 -26.95 -2.29
N SER C 117 -15.15 -25.75 -1.72
CA SER C 117 -16.04 -25.28 -0.64
C SER C 117 -17.45 -25.13 -1.10
N ASN C 118 -17.66 -24.74 -2.38
CA ASN C 118 -18.98 -24.58 -3.00
C ASN C 118 -19.75 -25.93 -3.00
N GLN C 119 -19.04 -27.05 -2.97
CA GLN C 119 -19.65 -28.39 -2.89
C GLN C 119 -20.30 -28.67 -1.51
N TYR C 120 -20.02 -27.83 -0.49
CA TYR C 120 -20.55 -28.03 0.87
C TYR C 120 -21.50 -26.94 1.33
N VAL C 121 -21.79 -25.97 0.45
CA VAL C 121 -22.70 -24.86 0.76
C VAL C 121 -24.08 -25.39 1.21
N TYR C 122 -24.59 -26.43 0.54
CA TYR C 122 -25.89 -27.02 0.88
C TYR C 122 -25.77 -28.33 1.67
N GLY C 123 -24.57 -28.64 2.17
CA GLY C 123 -24.29 -29.83 2.98
C GLY C 123 -23.34 -30.78 2.27
N ILE C 124 -23.00 -31.93 2.92
CA ILE C 124 -22.13 -32.97 2.35
C ILE C 124 -22.74 -33.45 1.03
N GLY C 125 -21.94 -33.49 -0.02
CA GLY C 125 -22.41 -33.89 -1.34
C GLY C 125 -23.41 -32.95 -1.98
N GLY C 126 -23.51 -31.73 -1.43
CA GLY C 126 -24.42 -30.70 -1.90
C GLY C 126 -25.83 -30.85 -1.36
N GLY C 127 -26.04 -31.82 -0.46
CA GLY C 127 -27.34 -32.09 0.15
C GLY C 127 -28.45 -32.22 -0.87
N THR C 128 -29.56 -31.50 -0.68
CA THR C 128 -30.70 -31.47 -1.60
C THR C 128 -30.67 -30.22 -2.49
N GLY C 129 -29.60 -29.45 -2.42
CA GLY C 129 -29.45 -28.22 -3.20
C GLY C 129 -30.08 -27.00 -2.54
N CYS C 130 -30.44 -25.99 -3.35
CA CYS C 130 -31.03 -24.75 -2.85
C CYS C 130 -32.41 -25.04 -2.21
N PRO C 131 -32.76 -24.42 -1.07
CA PRO C 131 -34.08 -24.70 -0.46
C PRO C 131 -35.30 -24.39 -1.35
N THR C 132 -35.18 -23.40 -2.25
CA THR C 132 -36.27 -22.97 -3.13
C THR C 132 -36.56 -23.95 -4.27
N HIS C 133 -35.49 -24.41 -4.99
CA HIS C 133 -35.72 -25.28 -6.16
C HIS C 133 -35.23 -26.71 -6.00
N LYS C 134 -34.60 -27.05 -4.85
CA LYS C 134 -34.05 -28.38 -4.54
C LYS C 134 -33.05 -28.80 -5.63
N ASP C 135 -32.27 -27.84 -6.10
CA ASP C 135 -31.31 -27.99 -7.19
C ASP C 135 -29.88 -27.72 -6.73
N ARG C 136 -29.01 -28.73 -6.80
CA ARG C 136 -27.61 -28.58 -6.42
C ARG C 136 -26.85 -27.69 -7.44
N SER C 137 -27.38 -27.58 -8.68
CA SER C 137 -26.75 -26.77 -9.69
C SER C 137 -27.55 -25.48 -9.98
N CYS C 138 -28.24 -24.94 -8.95
CA CYS C 138 -29.03 -23.73 -9.10
C CYS C 138 -28.17 -22.53 -9.45
N TYR C 139 -28.55 -21.86 -10.52
CA TYR C 139 -27.89 -20.68 -11.05
C TYR C 139 -28.60 -19.39 -10.60
N ILE C 140 -29.73 -19.52 -9.90
CA ILE C 140 -30.52 -18.36 -9.49
C ILE C 140 -30.29 -17.99 -8.04
N CYS C 141 -30.50 -18.98 -7.14
CA CYS C 141 -30.37 -18.76 -5.69
C CYS C 141 -29.01 -18.33 -5.28
N HIS C 142 -28.99 -17.29 -4.45
CA HIS C 142 -27.77 -16.69 -3.93
C HIS C 142 -27.17 -17.64 -2.95
N ARG C 143 -25.89 -17.94 -3.13
CA ARG C 143 -25.15 -18.83 -2.25
C ARG C 143 -24.23 -18.01 -1.42
N GLN C 144 -23.73 -18.58 -0.33
CA GLN C 144 -22.75 -17.87 0.50
C GLN C 144 -21.62 -18.77 0.85
N MET C 145 -20.42 -18.21 0.97
CA MET C 145 -19.25 -18.94 1.46
C MET C 145 -18.36 -18.01 2.25
N LEU C 146 -17.52 -18.58 3.11
CA LEU C 146 -16.57 -17.80 3.90
C LEU C 146 -15.15 -17.87 3.33
N PHE C 147 -14.41 -16.74 3.44
CA PHE C 147 -13.00 -16.66 3.06
C PHE C 147 -12.31 -16.31 4.40
N CYS C 148 -11.68 -17.31 5.01
CA CYS C 148 -11.16 -17.23 6.37
C CYS C 148 -9.67 -17.09 6.60
N ARG C 149 -9.30 -16.40 7.71
CA ARG C 149 -7.92 -16.28 8.18
CA ARG C 149 -7.92 -16.28 8.19
C ARG C 149 -7.71 -17.59 8.96
N VAL C 150 -6.77 -18.45 8.51
CA VAL C 150 -6.56 -19.73 9.19
C VAL C 150 -5.13 -19.85 9.70
N THR C 151 -4.97 -19.96 11.03
CA THR C 151 -3.65 -20.09 11.68
C THR C 151 -3.22 -21.54 11.58
N LEU C 152 -2.17 -21.80 10.78
CA LEU C 152 -1.76 -23.17 10.59
C LEU C 152 -0.60 -23.62 11.42
N GLY C 153 0.21 -22.71 11.92
CA GLY C 153 1.42 -23.08 12.65
C GLY C 153 2.26 -24.09 11.89
N LYS C 154 2.76 -25.12 12.58
CA LYS C 154 3.50 -26.21 11.92
C LYS C 154 2.46 -27.21 11.39
N SER C 155 2.41 -27.41 10.09
CA SER C 155 1.49 -28.37 9.48
C SER C 155 2.06 -29.76 9.39
N PHE C 156 1.20 -30.73 9.68
CA PHE C 156 1.53 -32.13 9.53
C PHE C 156 0.92 -32.61 8.22
N LEU C 157 1.76 -32.92 7.24
CA LEU C 157 1.33 -33.35 5.91
C LEU C 157 0.88 -34.83 5.88
N GLN C 158 -0.17 -35.10 5.11
CA GLN C 158 -0.70 -36.44 4.98
C GLN C 158 -1.41 -36.62 3.64
N PHE C 159 -1.77 -37.86 3.25
CA PHE C 159 -2.50 -38.12 1.99
C PHE C 159 -3.99 -38.27 2.18
N SER C 160 -4.42 -38.27 3.47
CA SER C 160 -5.81 -38.34 3.96
C SER C 160 -5.85 -37.83 5.40
N THR C 161 -7.02 -37.39 5.84
CA THR C 161 -7.15 -36.74 7.16
C THR C 161 -8.18 -37.37 8.08
N ILE C 162 -8.91 -38.38 7.58
CA ILE C 162 -10.03 -39.04 8.24
C ILE C 162 -9.78 -39.66 9.64
N LYS C 163 -8.57 -40.15 9.89
CA LYS C 163 -8.22 -40.81 11.13
CA LYS C 163 -8.24 -40.80 11.14
C LYS C 163 -7.64 -39.89 12.20
N MET C 164 -7.60 -38.56 11.94
CA MET C 164 -7.09 -37.53 12.84
C MET C 164 -8.14 -36.92 13.75
N ALA C 165 -7.81 -36.77 15.04
CA ALA C 165 -8.63 -36.13 16.07
C ALA C 165 -7.98 -34.79 16.50
N HIS C 166 -6.69 -34.67 16.29
CA HIS C 166 -5.88 -33.50 16.61
C HIS C 166 -4.64 -33.60 15.75
N ALA C 167 -3.86 -32.52 15.73
CA ALA C 167 -2.58 -32.49 15.02
C ALA C 167 -1.60 -33.29 15.87
N PRO C 168 -0.58 -33.92 15.27
CA PRO C 168 0.39 -34.67 16.08
C PRO C 168 1.17 -33.74 17.02
N PRO C 169 1.93 -34.31 18.01
CA PRO C 169 2.70 -33.43 18.93
C PRO C 169 3.60 -32.43 18.20
N GLY C 170 3.62 -31.18 18.67
CA GLY C 170 4.43 -30.12 18.05
C GLY C 170 3.86 -29.54 16.77
N HIS C 171 2.65 -29.96 16.37
CA HIS C 171 1.97 -29.47 15.15
C HIS C 171 0.67 -28.75 15.51
N HIS C 172 0.17 -27.91 14.61
CA HIS C 172 -1.03 -27.09 14.85
C HIS C 172 -2.09 -27.32 13.82
N SER C 173 -1.74 -28.02 12.75
CA SER C 173 -2.68 -28.30 11.67
C SER C 173 -2.35 -29.59 10.94
N VAL C 174 -3.25 -30.03 10.05
CA VAL C 174 -3.04 -31.18 9.19
C VAL C 174 -3.40 -30.81 7.78
N ILE C 175 -2.49 -31.09 6.83
CA ILE C 175 -2.81 -30.86 5.42
C ILE C 175 -2.93 -32.20 4.72
N GLY C 176 -4.05 -32.37 4.01
CA GLY C 176 -4.27 -33.55 3.18
C GLY C 176 -3.71 -33.18 1.84
N ARG C 177 -2.56 -33.75 1.48
CA ARG C 177 -1.93 -33.39 0.20
C ARG C 177 -2.66 -34.05 -0.97
N PRO C 178 -2.88 -33.38 -2.12
CA PRO C 178 -3.50 -34.07 -3.27
C PRO C 178 -2.55 -35.17 -3.75
N SER C 179 -3.11 -36.28 -4.25
CA SER C 179 -2.28 -37.38 -4.79
C SER C 179 -3.06 -38.09 -5.83
N VAL C 180 -2.35 -38.77 -6.74
CA VAL C 180 -2.99 -39.52 -7.81
C VAL C 180 -3.83 -40.61 -7.17
N ASN C 181 -5.15 -40.60 -7.47
CA ASN C 181 -6.12 -41.56 -6.94
C ASN C 181 -6.46 -41.37 -5.46
N GLY C 182 -6.01 -40.25 -4.89
CA GLY C 182 -6.25 -39.86 -3.49
C GLY C 182 -7.04 -38.58 -3.53
N LEU C 183 -6.61 -37.57 -2.74
CA LEU C 183 -7.31 -36.27 -2.70
C LEU C 183 -7.11 -35.54 -4.04
N ALA C 184 -8.17 -34.95 -4.61
CA ALA C 184 -7.98 -34.27 -5.89
C ALA C 184 -7.38 -32.87 -5.59
N TYR C 185 -7.86 -32.23 -4.52
CA TYR C 185 -7.44 -30.89 -4.10
C TYR C 185 -7.14 -30.94 -2.61
N ALA C 186 -6.23 -30.11 -2.16
CA ALA C 186 -5.75 -30.10 -0.77
C ALA C 186 -6.84 -29.79 0.23
N GLU C 187 -6.71 -30.32 1.44
CA GLU C 187 -7.64 -30.10 2.54
C GLU C 187 -6.79 -29.54 3.67
N TYR C 188 -7.28 -28.50 4.33
CA TYR C 188 -6.59 -27.89 5.45
C TYR C 188 -7.45 -28.11 6.67
N VAL C 189 -6.86 -28.77 7.68
CA VAL C 189 -7.54 -29.17 8.89
C VAL C 189 -6.94 -28.56 10.14
N ILE C 190 -7.78 -27.97 10.97
CA ILE C 190 -7.43 -27.40 12.28
C ILE C 190 -8.39 -28.09 13.24
N TYR C 191 -8.00 -28.13 14.53
CA TYR C 191 -8.70 -28.88 15.56
C TYR C 191 -9.15 -28.01 16.71
N ARG C 192 -8.97 -26.71 16.53
CA ARG C 192 -9.35 -25.67 17.50
C ARG C 192 -10.02 -24.60 16.73
N GLY C 193 -11.26 -24.27 17.12
CA GLY C 193 -12.03 -23.23 16.46
C GLY C 193 -11.40 -21.84 16.50
N GLU C 194 -10.58 -21.55 17.54
CA GLU C 194 -9.87 -20.27 17.71
C GLU C 194 -8.78 -20.10 16.67
N GLN C 195 -8.42 -21.20 15.96
CA GLN C 195 -7.41 -21.15 14.93
C GLN C 195 -7.92 -20.64 13.58
N ALA C 196 -9.20 -20.23 13.50
CA ALA C 196 -9.74 -19.63 12.28
C ALA C 196 -10.63 -18.44 12.59
N TYR C 197 -10.60 -17.44 11.71
CA TYR C 197 -11.49 -16.30 11.82
C TYR C 197 -12.28 -16.20 10.51
N PRO C 198 -13.63 -16.26 10.56
CA PRO C 198 -14.43 -16.15 9.31
C PRO C 198 -14.44 -14.69 8.79
N GLU C 199 -13.32 -14.23 8.20
CA GLU C 199 -13.09 -12.84 7.75
C GLU C 199 -14.10 -12.26 6.74
N TYR C 200 -14.32 -12.99 5.63
CA TYR C 200 -15.18 -12.53 4.55
C TYR C 200 -16.37 -13.43 4.29
N LEU C 201 -17.51 -12.81 4.11
CA LEU C 201 -18.72 -13.52 3.79
C LEU C 201 -19.07 -13.15 2.36
N ILE C 202 -18.91 -14.14 1.44
CA ILE C 202 -19.18 -13.90 0.02
C ILE C 202 -20.53 -14.41 -0.36
N THR C 203 -21.35 -13.53 -1.00
CA THR C 203 -22.67 -13.86 -1.52
C THR C 203 -22.50 -13.87 -3.00
N TYR C 204 -22.87 -14.96 -3.64
CA TYR C 204 -22.66 -15.17 -5.06
C TYR C 204 -23.66 -16.17 -5.67
N GLN C 205 -23.57 -16.30 -6.99
CA GLN C 205 -24.31 -17.26 -7.78
C GLN C 205 -23.28 -18.01 -8.58
N ILE C 206 -23.55 -19.28 -8.91
CA ILE C 206 -22.68 -20.00 -9.84
C ILE C 206 -23.18 -19.64 -11.24
N MET C 207 -22.28 -19.53 -12.23
CA MET C 207 -22.72 -19.14 -13.57
C MET C 207 -22.84 -20.32 -14.53
N LYS C 208 -23.90 -20.34 -15.32
CA LYS C 208 -24.13 -21.41 -16.27
C LYS C 208 -23.23 -21.17 -17.50
N PRO C 209 -22.39 -22.16 -17.87
CA PRO C 209 -21.54 -21.97 -19.06
C PRO C 209 -22.35 -21.85 -20.34
N GLU C 210 -21.75 -21.19 -21.34
CA GLU C 210 -22.30 -20.92 -22.66
C GLU C 210 -22.38 -22.21 -23.46
N THR D 2 -24.46 4.79 12.95
CA THR D 2 -22.99 4.78 12.96
C THR D 2 -22.41 3.69 13.89
N ILE D 3 -21.41 2.96 13.37
CA ILE D 3 -20.71 1.90 14.07
C ILE D 3 -19.20 2.18 14.07
N LEU D 4 -18.58 2.00 15.25
CA LEU D 4 -17.13 2.18 15.45
C LEU D 4 -16.44 0.83 15.43
N LEU D 5 -15.40 0.71 14.61
CA LEU D 5 -14.67 -0.53 14.38
C LEU D 5 -13.25 -0.45 14.90
N ASP D 6 -12.94 -1.21 15.96
CA ASP D 6 -11.60 -1.20 16.54
C ASP D 6 -10.57 -1.88 15.66
N LEU D 7 -9.48 -1.17 15.36
CA LEU D 7 -8.37 -1.74 14.59
C LEU D 7 -7.37 -2.30 15.58
N ALA D 8 -6.71 -3.40 15.20
CA ALA D 8 -5.71 -4.05 16.04
C ALA D 8 -4.35 -3.37 15.88
N PRO D 9 -3.62 -3.12 16.98
CA PRO D 9 -2.30 -2.46 16.87
C PRO D 9 -1.25 -3.20 16.03
N GLU D 10 -1.40 -4.54 15.90
CA GLU D 10 -0.48 -5.37 15.12
C GLU D 10 -0.82 -5.43 13.63
N ASP D 11 -1.96 -4.83 13.23
CA ASP D 11 -2.44 -4.78 11.84
C ASP D 11 -1.78 -3.63 11.06
N LYS D 12 -1.57 -3.83 9.75
CA LYS D 12 -0.95 -2.88 8.82
C LYS D 12 -1.71 -1.54 8.74
N GLU D 13 -3.05 -1.61 8.68
CA GLU D 13 -3.96 -0.46 8.57
C GLU D 13 -3.88 0.51 9.75
N TYR D 14 -3.79 -0.02 10.99
CA TYR D 14 -3.64 0.77 12.22
C TYR D 14 -2.26 1.43 12.24
N GLN D 15 -1.20 0.69 11.87
CA GLN D 15 0.19 1.17 11.84
C GLN D 15 0.38 2.30 10.84
N SER D 16 -0.24 2.17 9.66
CA SER D 16 -0.20 3.19 8.61
C SER D 16 -0.77 4.53 9.12
N VAL D 17 -1.91 4.48 9.83
CA VAL D 17 -2.57 5.66 10.40
C VAL D 17 -1.68 6.31 11.47
N GLU D 18 -1.17 5.52 12.43
CA GLU D 18 -0.29 6.05 13.47
C GLU D 18 0.97 6.67 12.87
N GLU D 19 1.66 6.00 11.93
CA GLU D 19 2.84 6.59 11.33
C GLU D 19 2.62 7.92 10.62
N GLU D 20 1.49 8.07 9.88
CA GLU D 20 1.12 9.33 9.23
C GLU D 20 0.83 10.40 10.29
N MET D 21 0.19 10.01 11.41
CA MET D 21 -0.14 10.90 12.50
C MET D 21 1.13 11.41 13.19
N GLN D 22 2.06 10.50 13.53
CA GLN D 22 3.32 10.83 14.22
C GLN D 22 4.29 11.63 13.34
N SER D 23 4.42 11.27 12.04
CA SER D 23 5.34 11.94 11.09
C SER D 23 4.95 13.36 10.73
N THR D 24 3.66 13.70 10.82
CA THR D 24 3.16 15.03 10.43
C THR D 24 3.16 16.07 11.54
N ILE D 25 3.68 15.74 12.73
CA ILE D 25 3.83 16.66 13.86
C ILE D 25 4.82 17.75 13.46
N ARG D 26 4.42 19.01 13.64
CA ARG D 26 5.20 20.18 13.33
C ARG D 26 5.15 21.13 14.51
N GLU D 27 6.05 22.11 14.52
CA GLU D 27 6.05 23.18 15.50
C GLU D 27 5.13 24.26 14.93
N HIS D 28 4.31 24.86 15.78
CA HIS D 28 3.36 25.91 15.37
C HIS D 28 3.75 27.29 15.82
N ARG D 29 3.27 28.32 15.09
CA ARG D 29 3.64 29.72 15.35
C ARG D 29 3.37 30.22 16.76
N ASP D 30 2.24 29.78 17.34
CA ASP D 30 1.78 30.11 18.70
C ASP D 30 2.59 29.47 19.84
N GLY D 31 3.68 28.77 19.51
CA GLY D 31 4.55 28.10 20.46
C GLY D 31 3.90 27.02 21.31
N GLY D 32 2.78 26.47 20.83
CA GLY D 32 2.03 25.41 21.52
C GLY D 32 0.87 25.89 22.36
N ASN D 33 0.53 27.19 22.28
CA ASN D 33 -0.60 27.74 23.04
C ASN D 33 -1.96 27.06 22.78
N ALA D 34 -2.32 26.85 21.50
CA ALA D 34 -3.61 26.22 21.16
C ALA D 34 -3.68 24.72 21.41
N GLY D 35 -2.71 23.97 20.87
CA GLY D 35 -2.70 22.51 20.96
C GLY D 35 -1.81 21.85 22.01
N GLY D 36 -0.98 22.61 22.68
CA GLY D 36 -0.06 22.07 23.68
C GLY D 36 1.35 21.88 23.18
N ILE D 37 2.28 21.58 24.10
CA ILE D 37 3.69 21.38 23.75
C ILE D 37 4.01 19.88 23.75
N PHE D 38 4.37 19.35 22.58
CA PHE D 38 4.68 17.93 22.36
C PHE D 38 5.45 17.73 21.07
N ASN D 39 6.11 16.58 20.96
CA ASN D 39 6.77 16.19 19.72
C ASN D 39 6.39 14.76 19.35
N ARG D 40 5.46 14.18 20.13
CA ARG D 40 4.93 12.83 19.96
C ARG D 40 3.54 12.69 20.55
N TYR D 41 2.76 11.74 20.02
CA TYR D 41 1.46 11.38 20.59
C TYR D 41 1.58 10.00 21.21
N ASN D 42 0.71 9.71 22.17
CA ASN D 42 0.56 8.38 22.68
C ASN D 42 -0.80 7.95 22.14
N VAL D 43 -0.81 7.08 21.11
CA VAL D 43 -2.05 6.60 20.48
C VAL D 43 -2.69 5.56 21.38
N ILE D 44 -3.92 5.83 21.81
CA ILE D 44 -4.69 4.95 22.70
C ILE D 44 -5.48 3.90 21.89
N ARG D 45 -6.19 4.35 20.84
CA ARG D 45 -7.08 3.55 20.03
C ARG D 45 -7.25 4.15 18.66
N ILE D 46 -7.46 3.31 17.64
CA ILE D 46 -7.81 3.76 16.29
C ILE D 46 -9.07 2.99 15.89
N GLN D 47 -10.11 3.71 15.51
CA GLN D 47 -11.37 3.10 15.13
C GLN D 47 -11.76 3.49 13.71
N LYS D 48 -12.37 2.55 13.01
CA LYS D 48 -12.85 2.78 11.65
C LYS D 48 -14.31 3.16 11.80
N VAL D 49 -14.68 4.30 11.21
CA VAL D 49 -16.06 4.80 11.30
C VAL D 49 -16.86 4.16 10.19
N VAL D 50 -17.98 3.50 10.56
CA VAL D 50 -18.87 2.83 9.61
C VAL D 50 -20.26 3.49 9.65
N ASN D 51 -20.58 4.21 8.58
CA ASN D 51 -21.87 4.85 8.41
C ASN D 51 -22.28 4.62 6.96
N LYS D 52 -23.31 3.78 6.76
CA LYS D 52 -23.82 3.37 5.46
C LYS D 52 -24.27 4.56 4.61
N LYS D 53 -25.16 5.40 5.15
CA LYS D 53 -25.69 6.57 4.45
C LYS D 53 -24.61 7.55 4.03
N LEU D 54 -23.65 7.82 4.92
CA LEU D 54 -22.51 8.71 4.67
C LEU D 54 -21.58 8.15 3.60
N ARG D 55 -21.35 6.83 3.62
CA ARG D 55 -20.52 6.16 2.62
C ARG D 55 -21.20 6.26 1.24
N GLU D 56 -22.54 6.10 1.19
CA GLU D 56 -23.31 6.17 -0.07
C GLU D 56 -23.16 7.55 -0.70
N ARG D 57 -23.34 8.63 0.10
CA ARG D 57 -23.21 10.03 -0.31
C ARG D 57 -21.79 10.33 -0.76
N PHE D 58 -20.80 9.85 -0.01
CA PHE D 58 -19.39 10.02 -0.33
C PHE D 58 -19.03 9.37 -1.67
N CYS D 59 -19.41 8.08 -1.85
CA CYS D 59 -19.10 7.33 -3.06
C CYS D 59 -19.80 7.91 -4.28
N HIS D 60 -21.05 8.37 -4.11
CA HIS D 60 -21.80 8.97 -5.21
C HIS D 60 -21.12 10.24 -5.69
N ARG D 61 -20.66 11.09 -4.75
CA ARG D 61 -19.99 12.35 -5.04
C ARG D 61 -18.62 12.15 -5.69
N GLN D 62 -17.86 11.14 -5.21
CA GLN D 62 -16.55 10.76 -5.74
C GLN D 62 -16.66 10.41 -7.24
N LYS D 63 -17.74 9.70 -7.63
CA LYS D 63 -18.02 9.34 -9.01
C LYS D 63 -18.31 10.61 -9.85
N GLU D 64 -19.17 11.54 -9.34
CA GLU D 64 -19.51 12.82 -9.98
C GLU D 64 -18.26 13.65 -10.18
N VAL D 65 -17.39 13.75 -9.12
CA VAL D 65 -16.13 14.52 -9.16
C VAL D 65 -15.16 14.00 -10.22
N SER D 66 -14.99 12.64 -10.34
CA SER D 66 -14.13 11.97 -11.34
C SER D 66 -14.60 12.30 -12.76
N GLU D 67 -15.90 12.17 -13.01
CA GLU D 67 -16.49 12.48 -14.34
C GLU D 67 -16.21 13.92 -14.74
N GLU D 68 -16.28 14.85 -13.77
CA GLU D 68 -16.04 16.27 -13.95
C GLU D 68 -14.54 16.59 -14.07
N ASN D 69 -13.64 15.69 -13.61
CA ASN D 69 -12.19 15.92 -13.61
C ASN D 69 -11.35 14.87 -14.38
N HIS D 70 -11.77 14.53 -15.61
CA HIS D 70 -11.10 13.58 -16.52
C HIS D 70 -10.70 12.27 -15.83
N ASN D 71 -11.68 11.67 -15.12
CA ASN D 71 -11.59 10.41 -14.37
C ASN D 71 -10.54 10.35 -13.26
N HIS D 72 -10.32 11.52 -12.61
CA HIS D 72 -9.39 11.66 -11.47
C HIS D 72 -10.09 12.38 -10.31
N HIS D 73 -10.55 11.59 -9.33
CA HIS D 73 -11.24 12.17 -8.15
C HIS D 73 -10.25 12.79 -7.15
N ASN D 74 -8.94 12.45 -7.27
CA ASN D 74 -7.83 12.95 -6.47
C ASN D 74 -8.15 12.91 -4.95
N GLU D 75 -8.28 11.70 -4.43
CA GLU D 75 -8.59 11.46 -3.02
C GLU D 75 -7.31 11.59 -2.19
N ARG D 76 -7.41 12.32 -1.08
CA ARG D 76 -6.29 12.49 -0.15
C ARG D 76 -6.77 12.17 1.28
N MET D 77 -5.85 11.70 2.10
CA MET D 77 -6.10 11.40 3.49
C MET D 77 -5.66 12.63 4.25
N LEU D 78 -6.59 13.27 4.98
CA LEU D 78 -6.28 14.51 5.71
C LEU D 78 -6.85 14.48 7.12
N PHE D 79 -6.22 15.23 8.04
CA PHE D 79 -6.71 15.29 9.42
C PHE D 79 -7.76 16.36 9.63
N HIS D 80 -8.62 16.11 10.64
CA HIS D 80 -9.63 17.06 11.09
C HIS D 80 -9.81 16.94 12.61
N GLY D 81 -9.57 18.04 13.30
CA GLY D 81 -9.74 18.16 14.74
C GLY D 81 -11.01 18.94 15.02
N SER D 82 -11.83 18.46 16.00
CA SER D 82 -13.11 19.11 16.27
C SER D 82 -13.73 18.69 17.60
N PRO D 83 -14.33 19.63 18.38
CA PRO D 83 -15.11 19.20 19.56
C PRO D 83 -16.45 18.56 19.18
N PHE D 84 -16.78 18.54 17.88
CA PHE D 84 -18.04 18.01 17.37
C PHE D 84 -17.89 16.68 16.60
N ILE D 85 -17.03 15.79 17.07
CA ILE D 85 -16.77 14.46 16.46
C ILE D 85 -18.07 13.68 16.30
N ASN D 86 -18.86 13.62 17.38
CA ASN D 86 -20.13 12.89 17.45
C ASN D 86 -21.08 13.31 16.33
N ALA D 87 -21.25 14.62 16.12
CA ALA D 87 -22.07 15.15 15.03
C ALA D 87 -21.49 14.73 13.68
N ILE D 88 -20.15 14.86 13.49
CA ILE D 88 -19.52 14.54 12.20
C ILE D 88 -19.59 13.05 11.83
N ILE D 89 -19.35 12.16 12.79
CA ILE D 89 -19.40 10.74 12.48
C ILE D 89 -20.81 10.23 12.18
N HIS D 90 -21.85 10.96 12.65
CA HIS D 90 -23.25 10.58 12.44
C HIS D 90 -23.90 11.27 11.27
N LYS D 91 -23.56 12.55 11.05
CA LYS D 91 -24.15 13.39 10.00
C LYS D 91 -23.18 13.68 8.87
N GLY D 92 -21.89 13.50 9.13
CA GLY D 92 -20.86 13.84 8.17
C GLY D 92 -20.49 15.29 8.30
N PHE D 93 -19.54 15.75 7.47
CA PHE D 93 -19.14 17.16 7.46
C PHE D 93 -20.25 17.98 6.83
N ASP D 94 -20.46 19.19 7.32
CA ASP D 94 -21.58 19.98 6.82
C ASP D 94 -21.16 21.42 6.65
N GLU D 95 -21.12 21.87 5.39
CA GLU D 95 -20.73 23.24 5.02
C GLU D 95 -21.75 24.28 5.50
N ARG D 96 -22.97 23.86 5.88
CA ARG D 96 -24.02 24.76 6.36
C ARG D 96 -23.70 25.33 7.73
N HIS D 97 -22.77 24.70 8.47
CA HIS D 97 -22.30 25.19 9.77
C HIS D 97 -21.28 26.28 9.62
N ALA D 98 -20.77 26.53 8.39
CA ALA D 98 -19.80 27.62 8.14
C ALA D 98 -20.58 28.95 8.19
N TYR D 99 -20.77 29.46 9.42
CA TYR D 99 -21.59 30.62 9.75
C TYR D 99 -21.16 31.92 9.12
N ILE D 100 -22.16 32.80 8.94
CA ILE D 100 -22.07 34.15 8.34
C ILE D 100 -21.16 35.02 9.20
N GLY D 101 -20.25 35.74 8.55
CA GLY D 101 -19.34 36.66 9.23
C GLY D 101 -18.23 36.00 10.02
N GLY D 102 -18.17 34.68 10.00
CA GLY D 102 -17.13 33.91 10.68
C GLY D 102 -15.75 34.13 10.04
N MET D 103 -14.72 34.13 10.89
CA MET D 103 -13.28 34.28 10.63
C MET D 103 -12.84 33.48 9.40
N PHE D 104 -13.25 32.21 9.32
CA PHE D 104 -12.84 31.31 8.26
C PHE D 104 -13.67 31.37 7.02
N GLY D 105 -14.75 32.14 7.03
CA GLY D 105 -15.65 32.18 5.87
C GLY D 105 -16.33 30.84 5.62
N ALA D 106 -16.59 30.50 4.36
CA ALA D 106 -17.26 29.24 4.01
C ALA D 106 -16.28 28.07 3.88
N GLY D 107 -16.81 26.85 3.90
CA GLY D 107 -16.00 25.66 3.70
C GLY D 107 -15.75 24.75 4.90
N ILE D 108 -15.28 23.54 4.55
CA ILE D 108 -14.87 22.42 5.41
C ILE D 108 -13.37 22.35 5.34
N TYR D 109 -12.71 22.47 6.50
CA TYR D 109 -11.26 22.59 6.61
C TYR D 109 -10.55 21.34 7.09
N PHE D 110 -9.41 21.04 6.45
CA PHE D 110 -8.54 19.90 6.78
C PHE D 110 -7.09 20.29 6.80
N ALA D 111 -6.28 19.50 7.52
CA ALA D 111 -4.86 19.74 7.61
C ALA D 111 -4.12 18.50 7.15
N GLU D 112 -2.95 18.68 6.57
CA GLU D 112 -2.09 17.56 6.24
C GLU D 112 -1.17 17.25 7.45
N ASN D 113 -1.16 18.14 8.46
CA ASN D 113 -0.36 17.98 9.67
C ASN D 113 -1.27 17.70 10.84
N SER D 114 -1.11 16.51 11.46
CA SER D 114 -1.93 16.12 12.61
C SER D 114 -1.90 17.17 13.71
N SER D 115 -0.72 17.78 13.96
CA SER D 115 -0.53 18.82 15.01
C SER D 115 -1.33 20.10 14.75
N LYS D 116 -1.65 20.40 13.47
CA LYS D 116 -2.47 21.55 13.13
C LYS D 116 -3.91 21.23 13.56
N SER D 117 -4.39 20.02 13.23
CA SER D 117 -5.74 19.61 13.61
C SER D 117 -5.88 19.50 15.11
N ASN D 118 -4.82 19.09 15.80
CA ASN D 118 -4.76 18.99 17.26
C ASN D 118 -5.04 20.36 17.94
N GLN D 119 -4.75 21.47 17.24
CA GLN D 119 -5.05 22.82 17.74
C GLN D 119 -6.58 23.12 17.78
N TYR D 120 -7.41 22.29 17.15
CA TYR D 120 -8.87 22.53 17.09
C TYR D 120 -9.70 21.50 17.81
N VAL D 121 -9.04 20.52 18.47
CA VAL D 121 -9.71 19.45 19.20
C VAL D 121 -10.67 20.02 20.27
N TYR D 122 -10.25 21.08 20.98
CA TYR D 122 -11.05 21.73 22.02
C TYR D 122 -11.69 23.04 21.57
N GLY D 123 -11.68 23.31 20.26
CA GLY D 123 -12.25 24.51 19.66
C GLY D 123 -11.19 25.40 19.02
N ILE D 124 -11.63 26.54 18.44
CA ILE D 124 -10.75 27.54 17.80
C ILE D 124 -9.77 28.04 18.87
N GLY D 125 -8.48 28.02 18.54
CA GLY D 125 -7.42 28.43 19.44
C GLY D 125 -7.25 27.52 20.65
N GLY D 126 -7.82 26.32 20.58
CA GLY D 126 -7.78 25.32 21.63
C GLY D 126 -8.83 25.52 22.71
N GLY D 127 -9.71 26.51 22.51
CA GLY D 127 -10.78 26.84 23.45
C GLY D 127 -10.25 27.03 24.85
N THR D 128 -10.89 26.38 25.85
CA THR D 128 -10.47 26.41 27.26
C THR D 128 -9.66 25.17 27.63
N GLY D 129 -9.33 24.33 26.65
CA GLY D 129 -8.59 23.08 26.86
C GLY D 129 -9.47 21.91 27.22
N CYS D 130 -8.90 20.91 27.91
CA CYS D 130 -9.65 19.71 28.32
C CYS D 130 -10.77 20.08 29.30
N PRO D 131 -11.98 19.50 29.19
CA PRO D 131 -13.06 19.87 30.15
C PRO D 131 -12.74 19.58 31.63
N THR D 132 -11.92 18.56 31.90
CA THR D 132 -11.53 18.15 33.26
C THR D 132 -10.56 19.12 33.94
N HIS D 133 -9.48 19.53 33.25
CA HIS D 133 -8.46 20.38 33.88
C HIS D 133 -8.36 21.79 33.34
N LYS D 134 -9.15 22.13 32.29
CA LYS D 134 -9.16 23.44 31.62
C LYS D 134 -7.76 23.80 31.11
N ASP D 135 -7.05 22.78 30.61
CA ASP D 135 -5.66 22.88 30.15
C ASP D 135 -5.53 22.55 28.67
N ARG D 136 -5.10 23.52 27.86
CA ARG D 136 -4.90 23.30 26.42
C ARG D 136 -3.68 22.38 26.16
N SER D 137 -2.78 22.27 27.14
CA SER D 137 -1.63 21.40 26.99
C SER D 137 -1.73 20.15 27.88
N CYS D 138 -2.98 19.67 28.13
CA CYS D 138 -3.20 18.48 28.97
C CYS D 138 -2.61 17.24 28.37
N TYR D 139 -1.77 16.57 29.15
CA TYR D 139 -1.06 15.35 28.79
C TYR D 139 -1.80 14.11 29.30
N ILE D 140 -2.87 14.29 30.05
CA ILE D 140 -3.60 13.17 30.65
C ILE D 140 -4.85 12.82 29.86
N CYS D 141 -5.72 13.82 29.67
CA CYS D 141 -6.99 13.63 28.98
C CYS D 141 -6.85 13.14 27.57
N HIS D 142 -7.66 12.12 27.25
CA HIS D 142 -7.69 11.48 25.96
C HIS D 142 -8.33 12.44 24.96
N ARG D 143 -7.64 12.70 23.87
CA ARG D 143 -8.14 13.56 22.80
C ARG D 143 -8.57 12.69 21.64
N GLN D 144 -9.35 13.24 20.75
CA GLN D 144 -9.76 12.52 19.54
C GLN D 144 -9.58 13.40 18.32
N MET D 145 -9.21 12.80 17.20
CA MET D 145 -9.16 13.48 15.91
C MET D 145 -9.56 12.51 14.79
N LEU D 146 -9.94 13.06 13.64
CA LEU D 146 -10.34 12.25 12.48
C LEU D 146 -9.26 12.24 11.41
N PHE D 147 -9.08 11.11 10.72
CA PHE D 147 -8.18 10.96 9.58
C PHE D 147 -9.14 10.59 8.45
N CYS D 148 -9.43 11.57 7.59
CA CYS D 148 -10.48 11.50 6.57
C CYS D 148 -10.07 11.27 5.13
N ARG D 149 -10.97 10.63 4.38
CA ARG D 149 -10.86 10.45 2.94
C ARG D 149 -11.44 11.74 2.40
N VAL D 150 -10.64 12.52 1.67
CA VAL D 150 -11.12 13.80 1.13
C VAL D 150 -10.98 13.79 -0.41
N THR D 151 -12.11 13.91 -1.13
CA THR D 151 -12.17 13.99 -2.61
C THR D 151 -11.84 15.44 -3.00
N LEU D 152 -10.64 15.67 -3.55
CA LEU D 152 -10.19 17.03 -3.87
C LEU D 152 -10.48 17.44 -5.31
N GLY D 153 -10.65 16.47 -6.20
CA GLY D 153 -10.84 16.74 -7.62
C GLY D 153 -9.76 17.66 -8.13
N LYS D 154 -10.15 18.68 -8.89
CA LYS D 154 -9.20 19.69 -9.33
C LYS D 154 -9.08 20.75 -8.21
N SER D 155 -7.91 20.80 -7.58
CA SER D 155 -7.65 21.76 -6.50
C SER D 155 -7.21 23.12 -7.07
N PHE D 156 -7.57 24.20 -6.38
CA PHE D 156 -7.19 25.58 -6.72
C PHE D 156 -6.26 26.09 -5.62
N LEU D 157 -5.11 26.61 -6.03
CA LEU D 157 -4.19 27.19 -5.07
C LEU D 157 -4.58 28.65 -4.88
N GLN D 158 -4.82 29.04 -3.64
CA GLN D 158 -5.24 30.41 -3.28
C GLN D 158 -4.52 30.84 -2.00
N PHE D 159 -4.33 32.17 -1.81
CA PHE D 159 -3.78 32.68 -0.56
C PHE D 159 -4.90 32.41 0.48
N SER D 160 -4.50 31.84 1.63
CA SER D 160 -5.43 31.47 2.69
C SER D 160 -6.28 32.64 3.22
N THR D 161 -5.81 33.90 3.10
CA THR D 161 -6.51 35.09 3.59
C THR D 161 -7.78 35.43 2.79
N ILE D 162 -7.75 35.20 1.45
CA ILE D 162 -8.86 35.47 0.54
C ILE D 162 -9.87 34.34 0.71
N LYS D 163 -11.04 34.62 1.28
CA LYS D 163 -12.04 33.57 1.48
C LYS D 163 -12.99 33.45 0.33
N MET D 164 -13.26 32.19 -0.05
CA MET D 164 -14.14 31.82 -1.17
C MET D 164 -15.40 31.13 -0.66
N ALA D 165 -16.53 31.34 -1.37
CA ALA D 165 -17.84 30.75 -1.04
C ALA D 165 -17.95 29.32 -1.56
N HIS D 166 -17.29 29.06 -2.71
CA HIS D 166 -17.26 27.75 -3.37
C HIS D 166 -15.90 27.64 -4.00
N ALA D 167 -15.55 26.43 -4.48
CA ALA D 167 -14.32 26.24 -5.24
C ALA D 167 -14.54 26.97 -6.59
N PRO D 168 -13.46 27.50 -7.25
CA PRO D 168 -13.64 28.19 -8.55
C PRO D 168 -14.26 27.34 -9.64
N PRO D 169 -14.83 27.95 -10.73
CA PRO D 169 -15.37 27.10 -11.82
C PRO D 169 -14.37 26.03 -12.31
N GLY D 170 -14.87 24.81 -12.52
CA GLY D 170 -14.05 23.69 -12.93
C GLY D 170 -13.16 23.09 -11.86
N HIS D 171 -13.23 23.62 -10.62
CA HIS D 171 -12.45 23.15 -9.47
C HIS D 171 -13.38 22.53 -8.39
N HIS D 172 -12.80 21.69 -7.44
CA HIS D 172 -13.60 20.96 -6.46
C HIS D 172 -13.13 21.18 -5.04
N SER D 173 -11.99 21.86 -4.89
CA SER D 173 -11.39 22.16 -3.60
C SER D 173 -10.42 23.31 -3.73
N VAL D 174 -10.02 23.84 -2.58
CA VAL D 174 -9.11 24.96 -2.52
C VAL D 174 -7.95 24.63 -1.57
N ILE D 175 -6.70 24.96 -2.00
CA ILE D 175 -5.53 24.81 -1.14
C ILE D 175 -5.15 26.21 -0.77
N GLY D 176 -5.40 26.55 0.49
CA GLY D 176 -5.15 27.87 1.04
C GLY D 176 -3.77 27.93 1.66
N ARG D 177 -2.89 28.70 1.04
CA ARG D 177 -1.56 28.82 1.58
C ARG D 177 -1.27 30.13 2.35
N PRO D 178 -0.44 30.03 3.40
CA PRO D 178 0.06 31.24 4.07
C PRO D 178 1.10 31.90 3.17
N GLY D 182 5.97 32.43 8.85
CA GLY D 182 6.84 31.62 9.70
C GLY D 182 6.42 30.17 9.71
N LEU D 183 5.97 29.66 10.88
CA LEU D 183 5.50 28.27 11.03
C LEU D 183 4.00 28.17 10.72
N ALA D 184 3.64 28.44 9.44
CA ALA D 184 2.27 28.36 8.99
C ALA D 184 2.11 27.22 8.00
N TYR D 185 0.95 26.57 7.98
CA TYR D 185 0.75 25.40 7.13
C TYR D 185 -0.44 25.48 6.19
N ALA D 186 -0.44 24.57 5.19
CA ALA D 186 -1.47 24.42 4.18
C ALA D 186 -2.79 24.01 4.80
N GLU D 187 -3.86 24.58 4.29
CA GLU D 187 -5.20 24.17 4.71
C GLU D 187 -5.91 23.74 3.46
N TYR D 188 -6.68 22.66 3.58
CA TYR D 188 -7.43 22.05 2.49
C TYR D 188 -8.87 22.31 2.74
N VAL D 189 -9.54 22.91 1.73
CA VAL D 189 -10.92 23.36 1.87
C VAL D 189 -11.78 22.75 0.77
N ILE D 190 -12.89 22.11 1.18
CA ILE D 190 -13.95 21.57 0.32
C ILE D 190 -15.24 22.33 0.72
N TYR D 191 -16.21 22.40 -0.20
CA TYR D 191 -17.42 23.18 0.04
C TYR D 191 -18.67 22.35 0.01
N ARG D 192 -18.49 21.01 0.10
CA ARG D 192 -19.53 19.98 0.08
C ARG D 192 -19.15 18.91 1.04
N GLY D 193 -20.03 18.63 1.99
CA GLY D 193 -19.82 17.60 2.99
C GLY D 193 -19.65 16.21 2.45
N GLU D 194 -20.26 15.91 1.29
CA GLU D 194 -20.17 14.61 0.63
C GLU D 194 -18.78 14.36 0.07
N GLN D 195 -17.92 15.41 -0.02
CA GLN D 195 -16.55 15.26 -0.54
C GLN D 195 -15.56 14.76 0.54
N ALA D 196 -16.05 14.42 1.75
CA ALA D 196 -15.22 13.87 2.81
C ALA D 196 -15.91 12.74 3.56
N TYR D 197 -15.13 11.74 3.94
CA TYR D 197 -15.62 10.62 4.73
C TYR D 197 -14.74 10.52 5.97
N PRO D 198 -15.33 10.64 7.19
CA PRO D 198 -14.50 10.56 8.42
C PRO D 198 -14.08 9.11 8.68
N GLU D 199 -13.11 8.60 7.90
CA GLU D 199 -12.64 7.22 7.91
C GLU D 199 -12.14 6.67 9.24
N TYR D 200 -11.19 7.38 9.88
CA TYR D 200 -10.57 6.94 11.12
C TYR D 200 -10.78 7.87 12.28
N LEU D 201 -11.13 7.31 13.41
CA LEU D 201 -11.30 8.08 14.64
C LEU D 201 -10.14 7.70 15.55
N ILE D 202 -9.20 8.65 15.74
CA ILE D 202 -8.02 8.40 16.58
C ILE D 202 -8.22 8.95 17.96
N THR D 203 -7.98 8.11 18.97
CA THR D 203 -8.01 8.48 20.39
C THR D 203 -6.55 8.46 20.83
N TYR D 204 -6.09 9.56 21.41
CA TYR D 204 -4.69 9.74 21.76
C TYR D 204 -4.50 10.76 22.88
N GLN D 205 -3.25 10.85 23.33
CA GLN D 205 -2.78 11.85 24.27
C GLN D 205 -1.60 12.55 23.60
N ILE D 206 -1.37 13.83 23.92
CA ILE D 206 -0.16 14.53 23.49
C ILE D 206 0.89 14.13 24.56
N MET D 207 2.15 13.94 24.16
CA MET D 207 3.18 13.54 25.11
C MET D 207 4.05 14.70 25.57
N LYS D 208 4.34 14.74 26.87
CA LYS D 208 5.18 15.79 27.43
C LYS D 208 6.64 15.48 27.12
N PRO D 209 7.36 16.43 26.46
CA PRO D 209 8.78 16.19 26.17
C PRO D 209 9.62 16.04 27.41
N GLU D 210 10.74 15.34 27.26
CA GLU D 210 11.73 15.01 28.29
C GLU D 210 12.41 16.26 28.84
O6 BU3 E . 29.16 28.47 6.59
C3 BU3 E . 29.45 28.07 5.24
C4 BU3 E . 29.13 29.27 4.33
C2 BU3 E . 28.63 26.88 4.77
O5 BU3 E . 28.73 25.73 5.62
C1 BU3 E . 29.03 26.48 3.34
C1 5N8 F . 28.29 22.67 2.08
C2 5N8 F . 27.01 22.73 1.28
C3 5N8 F . 27.22 22.35 -0.17
N6 5N8 F . 21.40 25.89 0.18
C7 5N8 F . 25.84 20.47 1.72
C8 5N8 F . 24.67 22.52 2.27
C9 5N8 F . 24.72 23.96 2.69
C10 5N8 F . 25.49 24.41 3.77
C11 5N8 F . 25.39 25.73 4.18
C12 5N8 F . 24.53 26.60 3.52
C13 5N8 F . 23.77 26.16 2.44
C14 5N8 F . 23.87 24.83 2.04
C15 5N8 F . 22.96 27.06 1.60
C16 5N8 F . 21.49 26.50 1.30
C19 5N8 F . 19.33 27.26 4.35
C20 5N8 F . 18.19 26.58 4.00
C21 5N8 F . 18.09 25.93 2.78
C22 5N8 F . 19.18 25.95 1.90
F5 5N8 F . 23.00 28.32 2.10
F4 5N8 F . 23.59 27.22 0.40
N5 5N8 F . 20.23 25.28 -0.14
C23 5N8 F . 19.11 25.24 0.60
O2 5N8 F . 18.11 24.68 0.18
C18 5N8 F . 20.43 27.28 3.49
C17 5N8 F . 20.37 26.61 2.26
O1 5N8 F . 23.67 21.88 2.51
N4 5N8 F . 25.79 21.94 1.79
C4 5N8 F . 26.58 20.00 0.48
N2 5N8 F . 26.72 18.77 0.06
N3 5N8 F . 27.51 18.81 -1.08
C5 5N8 F . 27.80 20.08 -1.30
C6 5N8 F . 28.52 20.62 -2.51
F3 5N8 F . 28.72 19.68 -3.42
F2 5N8 F . 29.68 21.15 -2.18
F1 5N8 F . 27.80 21.54 -3.16
N1 5N8 F . 27.22 20.89 -0.32
ZN ZN G . 17.95 33.68 -17.61
C1 5N8 H . 8.97 -16.74 -25.70
C2 5N8 H . 9.29 -16.83 -24.22
C3 5N8 H . 10.76 -16.56 -23.94
N6 5N8 H . 7.95 -19.90 -18.43
C7 5N8 H . 8.56 -14.50 -23.38
C8 5N8 H . 7.49 -16.47 -22.43
C9 5N8 H . 7.13 -17.92 -22.58
C10 5N8 H . 6.43 -18.38 -23.68
C11 5N8 H . 6.00 -19.69 -23.75
C12 5N8 H . 6.26 -20.56 -22.70
C13 5N8 H . 6.96 -20.12 -21.57
C14 5N8 H . 7.40 -18.80 -21.53
C15 5N8 H . 7.23 -21.05 -20.41
C16 5N8 H . 6.94 -20.45 -18.99
C19 5N8 H . 3.29 -21.25 -18.24
C20 5N8 H . 3.17 -20.63 -17.00
C21 5N8 H . 4.24 -19.94 -16.44
C22 5N8 H . 5.47 -19.89 -17.12
F5 5N8 H . 6.58 -22.25 -20.53
F4 5N8 H . 8.51 -21.50 -20.56
N5 5N8 H . 7.78 -19.33 -17.21
C23 5N8 H . 6.65 -19.26 -16.50
O2 5N8 H . 6.65 -18.74 -15.39
C18 5N8 H . 4.49 -21.19 -18.93
C17 5N8 H . 5.59 -20.51 -18.38
O1 5N8 H . 6.90 -15.79 -21.60
N4 5N8 H . 8.40 -15.95 -23.28
C4 5N8 H . 10.04 -14.16 -23.49
N2 5N8 H . 10.57 -12.96 -23.42
N3 5N8 H . 11.92 -13.09 -23.69
C5 5N8 H . 12.16 -14.37 -23.91
C6 5N8 H . 13.51 -14.92 -24.29
F3 5N8 H . 14.12 -15.42 -23.25
F2 5N8 H . 14.28 -14.01 -24.81
F1 5N8 H . 13.42 -15.86 -25.19
N1 5N8 H . 10.98 -15.11 -23.79
ZN ZN I . 22.87 -27.68 -7.79
O6 BU3 J . -16.80 -36.88 9.93
C3 BU3 J . -17.92 -36.13 10.41
C4 BU3 J . -19.09 -36.41 9.45
C2 BU3 J . -17.54 -34.65 10.43
O5 BU3 J . -16.40 -34.41 11.25
C1 BU3 J . -18.70 -33.69 10.74
C1 5N8 K . -18.23 -29.91 12.17
C2 5N8 K . -18.23 -29.00 10.96
C3 5N8 K . -19.41 -28.04 10.98
N6 5N8 K . -17.37 -28.32 4.59
C7 5N8 K . -16.59 -27.14 11.65
C8 5N8 K . -16.11 -28.45 9.63
C9 5N8 K . -16.30 -29.71 8.85
C10 5N8 K . -15.90 -30.94 9.35
C11 5N8 K . -15.93 -32.08 8.54
C12 5N8 K . -16.35 -31.97 7.23
C13 5N8 K . -16.77 -30.74 6.71
C14 5N8 K . -16.76 -29.62 7.54
C15 5N8 K . -17.22 -30.58 5.26
C16 5N8 K . -16.62 -29.35 4.50
C19 5N8 K . -13.35 -30.45 2.90
C20 5N8 K . -12.91 -29.25 2.38
C21 5N8 K . -13.71 -28.11 2.50
C22 5N8 K . -14.92 -28.17 3.19
F5 5N8 K . -16.99 -31.69 4.52
F4 5N8 K . -18.58 -30.47 5.27
N5 5N8 K . -16.95 -27.15 3.97
C23 5N8 K . -15.79 -26.99 3.28
O2 5N8 K . -15.57 -25.93 2.71
C18 5N8 K . -14.55 -30.53 3.59
C17 5N8 K . -15.34 -29.39 3.76
O1 5N8 K . -15.16 -27.73 9.37
N4 5N8 K . -16.92 -28.21 10.70
C4 5N8 K . -17.82 -26.48 12.20
N2 5N8 K . -17.84 -25.48 13.05
N3 5N8 K . -19.18 -25.25 13.36
C5 5N8 K . -19.90 -26.12 12.69
C6 5N8 K . -21.40 -26.22 12.75
F3 5N8 K . -21.94 -26.12 11.57
F2 5N8 K . -21.90 -25.25 13.51
F1 5N8 K . -21.82 -27.40 13.24
N1 5N8 K . -19.08 -26.94 11.92
ZN ZN L . -32.69 -22.26 -6.46
ZN ZN M . -7.07 17.09 31.24
C1 5N8 N . -18.03 24.71 9.96
C2 5N8 N . -17.10 23.67 10.58
C3 5N8 N . -17.78 22.88 11.68
N6 5N8 N . -10.95 22.68 12.71
C7 5N8 N . -17.08 21.60 9.01
C8 5N8 N . -15.03 22.83 9.31
C9 5N8 N . -14.31 24.06 9.77
C10 5N8 N . -14.57 25.29 9.18
C11 5N8 N . -13.81 26.41 9.52
C12 5N8 N . -12.78 26.29 10.43
C13 5N8 N . -12.52 25.07 11.06
C14 5N8 N . -13.30 23.96 10.73
C15 5N8 N . -11.44 24.97 12.12
C16 5N8 N . -10.58 23.68 12.00
C19 5N8 N . -7.88 24.60 9.49
C20 5N8 N . -7.24 23.38 9.38
C21 5N8 N . -7.64 22.29 10.12
C22 5N8 N . -8.73 22.41 11.00
F5 5N8 N . -12.00 24.96 13.35
F4 5N8 N . -10.73 26.13 12.16
N5 5N8 N . -10.22 21.50 12.62
C23 5N8 N . -9.16 21.28 11.83
O2 5N8 N . -8.61 20.17 11.82
C18 5N8 N . -8.97 24.74 10.34
C17 5N8 N . -9.42 23.64 11.09
O1 5N8 N . -14.47 22.03 8.59
N4 5N8 N . -16.34 22.70 9.64
C4 5N8 N . -18.08 21.03 9.93
N2 5N8 N . -18.80 19.96 9.74
N3 5N8 N . -19.61 19.80 10.85
C5 5N8 N . -19.36 20.79 11.67
C6 5N8 N . -19.97 20.98 13.03
F3 5N8 N . -19.05 21.02 13.96
F2 5N8 N . -20.63 22.12 13.12
F1 5N8 N . -20.78 19.99 13.33
N1 5N8 N . -18.38 21.63 11.13
#